data_8HYE
#
_entry.id   8HYE
#
_cell.length_a   194.601
_cell.length_b   194.601
_cell.length_c   158.472
_cell.angle_alpha   90.00
_cell.angle_beta   90.00
_cell.angle_gamma   120.00
#
_symmetry.space_group_name_H-M   'P 64 2 2'
#
loop_
_entity.id
_entity.type
_entity.pdbx_description
1 polymer 'Alanine dehydrogenase'
2 non-polymer NICOTINAMIDE-ADENINE-DINUCLEOTIDE
3 non-polymer 1,2-ETHANEDIOL
4 non-polymer '4-(2-HYDROXYETHYL)-1-PIPERAZINE ETHANESULFONIC ACID'
5 non-polymer 'PHOSPHATE ION'
6 water water
#
_entity_poly.entity_id   1
_entity_poly.type   'polypeptide(L)'
_entity_poly.pdbx_seq_one_letter_code
;MKIGIPKEIKNNENRVAITPAGVMTLVKAGHDVYVETEAGAGSGFSDSEYEKAGAVIVTKAEDAWAAEMVLKVKEPLAEE
FRYFRPGLILFTYLHLAAAEALTKALVEQKVVGIAYETVQLANGSLPLLTPMSEVAGRMSVQVGAQFLEKPHGGKGILLG
GVPGVRRGKVTIIGGGTAGTNAAKIAVGLGADVTILDINAERLRELDDLFGDQVTTLMSNSYHIAECVRESDLVVGAVLI
PGAKAPKLVTEEMVRSMTPGSVLVDVAIDQGGIFETTDRVTTHDDPTYVKHGVVHYAVANMPGAVPRTSTFALTNVTIPY
ALQIANKGYRAACLDNPALLKGINTLDGHIVYEAVAAAHNMPYTDVHSLLQG
;
_entity_poly.pdbx_strand_id   A,B,C
#
loop_
_chem_comp.id
_chem_comp.type
_chem_comp.name
_chem_comp.formula
EDO non-polymer 1,2-ETHANEDIOL 'C2 H6 O2'
EPE non-polymer '4-(2-HYDROXYETHYL)-1-PIPERAZINE ETHANESULFONIC ACID' 'C8 H18 N2 O4 S'
NAD non-polymer NICOTINAMIDE-ADENINE-DINUCLEOTIDE 'C21 H27 N7 O14 P2'
PO4 non-polymer 'PHOSPHATE ION' 'O4 P -3'
#
# COMPACT_ATOMS: atom_id res chain seq x y z
N MET A 1 8.00 -2.60 -38.35
CA MET A 1 6.57 -2.47 -38.70
C MET A 1 6.31 -1.00 -39.07
N LYS A 2 5.34 -0.78 -39.94
CA LYS A 2 4.86 0.55 -40.37
C LYS A 2 3.63 0.89 -39.53
N ILE A 3 3.68 2.03 -38.84
CA ILE A 3 2.68 2.40 -37.80
C ILE A 3 2.14 3.77 -38.16
N GLY A 4 0.81 3.83 -38.23
CA GLY A 4 0.07 5.03 -38.65
C GLY A 4 -0.81 5.58 -37.52
N ILE A 5 -0.79 6.89 -37.39
CA ILE A 5 -1.64 7.64 -36.45
C ILE A 5 -2.40 8.67 -37.28
N PRO A 6 -3.67 8.36 -37.62
CA PRO A 6 -4.54 9.36 -38.19
C PRO A 6 -4.95 10.42 -37.14
N LYS A 7 -5.35 11.58 -37.61
CA LYS A 7 -6.04 12.61 -36.81
C LYS A 7 -7.40 12.06 -36.37
N GLU A 8 -7.75 12.21 -35.09
CA GLU A 8 -9.11 11.87 -34.60
C GLU A 8 -10.09 12.81 -35.29
N ILE A 9 -11.21 12.27 -35.79
CA ILE A 9 -12.17 13.10 -36.59
C ILE A 9 -13.51 13.19 -35.88
N LYS A 10 -13.76 12.46 -34.79
CA LYS A 10 -15.02 12.69 -34.06
C LYS A 10 -15.06 14.18 -33.64
N ASN A 11 -16.26 14.73 -33.57
CA ASN A 11 -16.45 16.20 -33.41
C ASN A 11 -15.80 16.64 -32.08
N ASN A 12 -14.89 17.59 -32.12
CA ASN A 12 -14.24 18.17 -30.90
C ASN A 12 -13.31 17.15 -30.25
N GLU A 13 -12.99 16.02 -30.90
CA GLU A 13 -11.99 15.10 -30.33
C GLU A 13 -10.61 15.70 -30.61
N ASN A 14 -9.89 16.09 -29.56
CA ASN A 14 -8.61 16.80 -29.68
C ASN A 14 -7.44 15.97 -29.16
N ARG A 15 -7.72 14.79 -28.62
CA ARG A 15 -6.64 13.88 -28.19
C ARG A 15 -6.01 13.24 -29.43
N VAL A 16 -4.85 12.62 -29.25
CA VAL A 16 -4.11 11.91 -30.32
C VAL A 16 -3.43 10.67 -29.72
N ALA A 17 -3.24 9.61 -30.53
CA ALA A 17 -2.82 8.28 -30.08
C ALA A 17 -1.30 8.20 -29.93
N ILE A 18 -0.56 9.27 -30.22
CA ILE A 18 0.90 9.26 -29.94
C ILE A 18 1.40 10.66 -29.73
N THR A 19 2.50 10.78 -29.02
CA THR A 19 3.26 12.04 -28.86
C THR A 19 4.64 11.86 -29.48
N PRO A 20 5.40 12.95 -29.66
CA PRO A 20 6.78 12.87 -30.11
C PRO A 20 7.60 11.84 -29.30
N ALA A 21 7.41 11.75 -28.00
CA ALA A 21 8.16 10.77 -27.18
C ALA A 21 7.83 9.33 -27.61
N GLY A 22 6.57 9.03 -27.92
CA GLY A 22 6.16 7.69 -28.40
C GLY A 22 6.69 7.39 -29.81
N VAL A 23 6.65 8.35 -30.73
CA VAL A 23 7.35 8.29 -32.04
C VAL A 23 8.79 7.87 -31.80
N MET A 24 9.48 8.59 -30.93
CA MET A 24 10.91 8.35 -30.68
C MET A 24 11.11 6.90 -30.21
N THR A 25 10.31 6.38 -29.28
CA THR A 25 10.43 4.98 -28.81
C THR A 25 10.31 4.03 -30.02
N LEU A 26 9.31 4.25 -30.87
CA LEU A 26 9.01 3.31 -31.99
C LEU A 26 10.09 3.42 -33.06
N VAL A 27 10.56 4.64 -33.40
CA VAL A 27 11.60 4.85 -34.45
C VAL A 27 12.93 4.27 -33.95
N LYS A 28 13.34 4.53 -32.71
CA LYS A 28 14.60 3.94 -32.18
C LYS A 28 14.54 2.41 -32.13
N ALA A 29 13.38 1.79 -32.00
CA ALA A 29 13.28 0.31 -32.07
C ALA A 29 13.17 -0.14 -33.54
N GLY A 30 13.31 0.77 -34.51
CA GLY A 30 13.41 0.47 -35.96
C GLY A 30 12.09 0.49 -36.70
N HIS A 31 11.00 1.03 -36.18
CA HIS A 31 9.70 1.02 -36.90
C HIS A 31 9.59 2.31 -37.71
N ASP A 32 8.77 2.29 -38.75
CA ASP A 32 8.43 3.48 -39.52
C ASP A 32 7.14 4.04 -38.95
N VAL A 33 7.15 5.32 -38.61
CA VAL A 33 5.98 5.97 -37.99
C VAL A 33 5.50 7.06 -38.92
N TYR A 34 4.22 6.95 -39.30
CA TYR A 34 3.48 7.92 -40.14
C TYR A 34 2.39 8.59 -39.30
N VAL A 35 2.42 9.92 -39.23
CA VAL A 35 1.41 10.75 -38.52
C VAL A 35 0.71 11.66 -39.52
N GLU A 36 -0.61 11.61 -39.59
CA GLU A 36 -1.41 12.55 -40.41
C GLU A 36 -1.12 13.99 -39.93
N THR A 37 -0.86 14.92 -40.86
CA THR A 37 -0.69 16.37 -40.57
C THR A 37 -1.84 16.82 -39.65
N GLU A 38 -1.52 17.58 -38.61
CA GLU A 38 -2.49 18.17 -37.65
C GLU A 38 -2.97 17.13 -36.63
N ALA A 39 -2.48 15.90 -36.64
CA ALA A 39 -3.06 14.86 -35.77
C ALA A 39 -2.98 15.36 -34.31
N GLY A 40 -1.86 15.99 -33.95
CA GLY A 40 -1.50 16.37 -32.58
C GLY A 40 -1.82 17.83 -32.24
N ALA A 41 -2.32 18.63 -33.20
CA ALA A 41 -2.51 20.09 -33.06
C ALA A 41 -3.47 20.36 -31.89
N GLY A 42 -4.55 19.60 -31.78
CA GLY A 42 -5.54 19.77 -30.70
C GLY A 42 -4.94 19.52 -29.31
N SER A 43 -3.77 18.90 -29.21
CA SER A 43 -3.07 18.59 -27.93
C SER A 43 -1.72 19.32 -27.91
N GLY A 44 -1.49 20.27 -28.82
CA GLY A 44 -0.31 21.16 -28.84
C GLY A 44 0.97 20.45 -29.31
N PHE A 45 0.83 19.41 -30.12
CA PHE A 45 1.99 18.74 -30.80
C PHE A 45 1.95 19.08 -32.29
N SER A 46 2.85 19.95 -32.72
CA SER A 46 3.10 20.35 -34.13
C SER A 46 3.60 19.15 -34.95
N ASP A 47 3.20 19.06 -36.22
CA ASP A 47 3.81 18.21 -37.28
C ASP A 47 5.34 18.17 -37.12
N SER A 48 5.92 19.33 -36.84
CA SER A 48 7.38 19.54 -36.69
C SER A 48 7.98 18.77 -35.50
N GLU A 49 7.32 18.75 -34.34
CA GLU A 49 7.84 17.99 -33.17
C GLU A 49 7.81 16.49 -33.49
N TYR A 50 6.81 16.03 -34.23
CA TYR A 50 6.70 14.62 -34.67
C TYR A 50 7.85 14.31 -35.65
N GLU A 51 8.07 15.16 -36.64
CA GLU A 51 9.20 15.01 -37.61
C GLU A 51 10.54 14.94 -36.87
N LYS A 52 10.82 15.84 -35.94
CA LYS A 52 12.16 15.82 -35.28
C LYS A 52 12.32 14.52 -34.48
N ALA A 53 11.23 13.87 -34.08
CA ALA A 53 11.31 12.63 -33.26
C ALA A 53 11.45 11.44 -34.20
N GLY A 54 11.28 11.69 -35.51
CA GLY A 54 11.57 10.70 -36.58
C GLY A 54 10.33 10.23 -37.32
N ALA A 55 9.17 10.85 -37.14
CA ALA A 55 7.96 10.46 -37.89
C ALA A 55 8.03 11.02 -39.31
N VAL A 56 7.30 10.38 -40.22
CA VAL A 56 6.92 10.95 -41.53
C VAL A 56 5.50 11.51 -41.42
N ILE A 57 5.36 12.79 -41.77
CA ILE A 57 4.04 13.47 -41.81
C ILE A 57 3.43 13.17 -43.16
N VAL A 58 2.19 12.69 -43.16
CA VAL A 58 1.45 12.33 -44.39
C VAL A 58 0.30 13.30 -44.50
N THR A 59 0.05 13.78 -45.70
CA THR A 59 -1.00 14.74 -46.04
C THR A 59 -2.39 14.14 -45.89
N LYS A 60 -2.57 12.86 -46.17
CA LYS A 60 -3.95 12.29 -46.23
C LYS A 60 -4.14 11.22 -45.17
N ALA A 61 -5.35 11.14 -44.60
CA ALA A 61 -5.77 10.11 -43.62
C ALA A 61 -5.46 8.73 -44.22
N GLU A 62 -5.76 8.58 -45.51
CA GLU A 62 -5.57 7.31 -46.27
C GLU A 62 -4.16 6.78 -45.98
N ASP A 63 -3.17 7.67 -46.00
CA ASP A 63 -1.74 7.27 -45.94
C ASP A 63 -1.37 6.88 -44.50
N ALA A 64 -2.10 7.36 -43.49
CA ALA A 64 -1.86 6.95 -42.09
C ALA A 64 -2.52 5.58 -41.89
N TRP A 65 -3.73 5.40 -42.43
CA TRP A 65 -4.45 4.12 -42.30
C TRP A 65 -3.76 3.01 -43.12
N ALA A 66 -2.92 3.31 -44.12
CA ALA A 66 -2.28 2.29 -44.99
C ALA A 66 -1.17 1.55 -44.23
N ALA A 67 -0.74 2.06 -43.09
CA ALA A 67 0.22 1.41 -42.17
C ALA A 67 -0.31 0.03 -41.77
N GLU A 68 0.56 -0.81 -41.28
CA GLU A 68 0.17 -2.19 -40.89
C GLU A 68 -0.57 -2.12 -39.54
N MET A 69 -0.14 -1.20 -38.68
CA MET A 69 -0.82 -0.97 -37.36
C MET A 69 -1.25 0.50 -37.28
N VAL A 70 -2.53 0.70 -37.01
CA VAL A 70 -3.16 2.03 -36.81
C VAL A 70 -3.43 2.25 -35.32
N LEU A 71 -2.85 3.29 -34.76
CA LEU A 71 -3.09 3.69 -33.36
C LEU A 71 -4.12 4.81 -33.40
N LYS A 72 -5.19 4.67 -32.63
CA LYS A 72 -6.22 5.74 -32.51
C LYS A 72 -6.60 5.95 -31.04
N VAL A 73 -7.42 6.97 -30.78
CA VAL A 73 -8.04 7.18 -29.44
C VAL A 73 -9.46 6.66 -29.46
N LYS A 74 -10.28 7.16 -30.37
CA LYS A 74 -11.71 6.76 -30.47
C LYS A 74 -11.91 5.69 -31.53
N GLU A 75 -13.12 5.15 -31.50
CA GLU A 75 -13.63 4.10 -32.41
C GLU A 75 -13.75 4.71 -33.80
N PRO A 76 -13.41 3.92 -34.85
CA PRO A 76 -13.61 4.37 -36.22
C PRO A 76 -15.11 4.71 -36.45
N LEU A 77 -15.39 5.84 -37.08
CA LEU A 77 -16.76 6.21 -37.49
C LEU A 77 -17.09 5.48 -38.81
N ALA A 78 -18.36 5.49 -39.23
CA ALA A 78 -18.88 4.83 -40.44
C ALA A 78 -17.99 5.24 -41.61
N GLU A 79 -17.66 6.51 -41.70
CA GLU A 79 -16.92 7.06 -42.87
C GLU A 79 -15.44 6.63 -42.83
N GLU A 80 -15.01 5.89 -41.80
CA GLU A 80 -13.62 5.39 -41.70
C GLU A 80 -13.59 3.88 -42.02
N PHE A 81 -14.74 3.22 -42.11
CA PHE A 81 -14.87 1.79 -42.47
C PHE A 81 -14.11 1.54 -43.79
N ARG A 82 -14.18 2.49 -44.71
CA ARG A 82 -13.57 2.38 -46.05
C ARG A 82 -12.07 2.11 -45.91
N TYR A 83 -11.45 2.40 -44.75
CA TYR A 83 -9.97 2.24 -44.59
C TYR A 83 -9.63 0.82 -44.09
N PHE A 84 -10.62 0.09 -43.58
CA PHE A 84 -10.43 -1.26 -43.04
C PHE A 84 -9.87 -2.13 -44.18
N ARG A 85 -9.07 -3.13 -43.83
CA ARG A 85 -8.67 -4.16 -44.83
C ARG A 85 -8.21 -5.42 -44.10
N PRO A 86 -8.39 -6.60 -44.71
CA PRO A 86 -7.85 -7.83 -44.14
C PRO A 86 -6.43 -7.68 -43.59
N GLY A 87 -6.26 -8.08 -42.34
CA GLY A 87 -4.96 -8.10 -41.63
C GLY A 87 -4.56 -6.75 -41.04
N LEU A 88 -5.37 -5.69 -41.20
CA LEU A 88 -5.12 -4.38 -40.51
C LEU A 88 -5.07 -4.64 -39.01
N ILE A 89 -4.03 -4.12 -38.32
CA ILE A 89 -4.04 -4.03 -36.83
C ILE A 89 -4.53 -2.63 -36.45
N LEU A 90 -5.68 -2.58 -35.76
CA LEU A 90 -6.29 -1.35 -35.18
C LEU A 90 -6.26 -1.44 -33.64
N PHE A 91 -5.53 -0.53 -33.01
CA PHE A 91 -5.41 -0.47 -31.52
C PHE A 91 -6.04 0.86 -31.08
N THR A 92 -7.19 0.83 -30.40
CA THR A 92 -7.95 2.04 -30.01
C THR A 92 -8.99 1.66 -28.96
N TYR A 93 -9.70 2.65 -28.39
CA TYR A 93 -10.92 2.46 -27.59
C TYR A 93 -12.00 1.99 -28.57
N LEU A 94 -12.52 0.76 -28.44
CA LEU A 94 -13.49 0.24 -29.43
C LEU A 94 -14.93 0.24 -28.88
N HIS A 95 -15.16 -0.29 -27.67
CA HIS A 95 -16.51 -0.36 -27.06
C HIS A 95 -17.46 -1.05 -28.04
N LEU A 96 -17.11 -2.28 -28.45
CA LEU A 96 -17.83 -3.00 -29.55
C LEU A 96 -19.22 -3.47 -29.06
N ALA A 97 -19.40 -3.79 -27.78
CA ALA A 97 -20.72 -4.19 -27.21
C ALA A 97 -21.79 -3.16 -27.59
N ALA A 98 -21.39 -1.90 -27.87
CA ALA A 98 -22.29 -0.75 -28.09
C ALA A 98 -22.33 -0.34 -29.55
N ALA A 99 -21.73 -1.10 -30.47
CA ALA A 99 -21.42 -0.61 -31.84
C ALA A 99 -21.51 -1.78 -32.83
N GLU A 100 -22.73 -2.17 -33.18
CA GLU A 100 -23.01 -3.30 -34.09
C GLU A 100 -22.35 -3.05 -35.46
N ALA A 101 -22.61 -1.88 -36.06
CA ALA A 101 -22.14 -1.57 -37.42
C ALA A 101 -20.60 -1.67 -37.44
N LEU A 102 -19.92 -1.03 -36.49
CA LEU A 102 -18.43 -1.12 -36.33
C LEU A 102 -18.04 -2.60 -36.20
N THR A 103 -18.69 -3.37 -35.33
CA THR A 103 -18.31 -4.78 -35.09
C THR A 103 -18.41 -5.55 -36.42
N LYS A 104 -19.52 -5.41 -37.15
CA LYS A 104 -19.74 -6.13 -38.43
C LYS A 104 -18.69 -5.71 -39.45
N ALA A 105 -18.29 -4.44 -39.49
CA ALA A 105 -17.26 -3.98 -40.46
C ALA A 105 -15.90 -4.61 -40.10
N LEU A 106 -15.58 -4.73 -38.81
CA LEU A 106 -14.28 -5.35 -38.38
C LEU A 106 -14.26 -6.86 -38.72
N VAL A 107 -15.40 -7.54 -38.59
CA VAL A 107 -15.53 -8.98 -38.92
C VAL A 107 -15.34 -9.14 -40.45
N GLU A 108 -16.21 -8.49 -41.23
CA GLU A 108 -16.24 -8.61 -42.70
C GLU A 108 -14.88 -8.27 -43.28
N GLN A 109 -14.17 -7.25 -42.77
CA GLN A 109 -12.86 -6.83 -43.36
C GLN A 109 -11.68 -7.57 -42.72
N LYS A 110 -11.93 -8.51 -41.78
CA LYS A 110 -10.86 -9.33 -41.13
C LYS A 110 -9.78 -8.47 -40.49
N VAL A 111 -10.23 -7.44 -39.77
CA VAL A 111 -9.33 -6.52 -39.05
C VAL A 111 -8.96 -7.23 -37.75
N VAL A 112 -7.71 -7.10 -37.32
CA VAL A 112 -7.27 -7.42 -35.93
C VAL A 112 -7.65 -6.22 -35.03
N GLY A 113 -8.83 -6.25 -34.40
CA GLY A 113 -9.36 -5.12 -33.61
C GLY A 113 -8.95 -5.30 -32.18
N ILE A 114 -7.94 -4.54 -31.72
CA ILE A 114 -7.46 -4.63 -30.29
C ILE A 114 -8.05 -3.41 -29.52
N ALA A 115 -8.82 -3.67 -28.47
CA ALA A 115 -9.53 -2.65 -27.66
C ALA A 115 -8.65 -2.24 -26.49
N TYR A 116 -8.32 -0.96 -26.39
CA TYR A 116 -7.56 -0.44 -25.22
C TYR A 116 -8.25 -0.90 -23.93
N GLU A 117 -9.59 -0.91 -23.93
CA GLU A 117 -10.37 -0.99 -22.66
C GLU A 117 -10.56 -2.44 -22.21
N THR A 118 -10.13 -3.45 -22.99
CA THR A 118 -10.22 -4.88 -22.54
C THR A 118 -8.83 -5.46 -22.27
N VAL A 119 -7.78 -4.69 -22.49
CA VAL A 119 -6.45 -5.06 -21.96
C VAL A 119 -6.59 -5.10 -20.44
N GLN A 120 -6.19 -6.22 -19.84
CA GLN A 120 -6.51 -6.54 -18.43
C GLN A 120 -5.38 -7.32 -17.78
N LEU A 121 -4.86 -6.80 -16.67
CA LEU A 121 -3.78 -7.45 -15.89
C LEU A 121 -4.37 -8.64 -15.11
N ALA A 122 -3.50 -9.45 -14.52
CA ALA A 122 -3.88 -10.67 -13.77
C ALA A 122 -4.76 -10.27 -12.58
N ASN A 123 -4.50 -9.09 -11.96
CA ASN A 123 -5.27 -8.59 -10.79
C ASN A 123 -6.65 -8.04 -11.20
N GLY A 124 -7.06 -8.12 -12.47
CA GLY A 124 -8.37 -7.63 -12.92
C GLY A 124 -8.35 -6.17 -13.39
N SER A 125 -7.33 -5.37 -13.09
CA SER A 125 -7.30 -3.93 -13.43
C SER A 125 -7.20 -3.71 -14.95
N LEU A 126 -7.71 -2.58 -15.44
CA LEU A 126 -7.72 -2.22 -16.88
C LEU A 126 -6.75 -1.06 -17.09
N PRO A 127 -5.43 -1.32 -17.27
CA PRO A 127 -4.43 -0.28 -17.13
C PRO A 127 -4.59 0.82 -18.16
N LEU A 128 -5.34 0.57 -19.24
CA LEU A 128 -5.49 1.60 -20.30
C LEU A 128 -6.78 2.40 -20.09
N LEU A 129 -7.62 2.04 -19.12
CA LEU A 129 -8.78 2.88 -18.69
C LEU A 129 -8.37 3.76 -17.51
N THR A 130 -7.53 3.24 -16.60
CA THR A 130 -7.11 3.93 -15.36
C THR A 130 -6.81 5.41 -15.61
N PRO A 131 -5.91 5.77 -16.56
CA PRO A 131 -5.52 7.17 -16.71
C PRO A 131 -6.69 8.12 -17.04
N MET A 132 -7.72 7.66 -17.73
CA MET A 132 -8.89 8.51 -18.02
C MET A 132 -9.73 8.67 -16.73
N SER A 133 -9.76 7.65 -15.86
CA SER A 133 -10.40 7.73 -14.54
C SER A 133 -9.68 8.76 -13.67
N GLU A 134 -8.36 8.83 -13.75
CA GLU A 134 -7.57 9.79 -12.94
C GLU A 134 -7.89 11.19 -13.42
N VAL A 135 -7.87 11.38 -14.74
CA VAL A 135 -8.12 12.72 -15.33
C VAL A 135 -9.55 13.14 -14.99
N ALA A 136 -10.52 12.24 -15.15
CA ALA A 136 -11.94 12.62 -14.93
C ALA A 136 -12.10 13.00 -13.45
N GLY A 137 -11.51 12.26 -12.53
CA GLY A 137 -11.57 12.56 -11.08
C GLY A 137 -11.06 13.97 -10.79
N ARG A 138 -9.86 14.30 -11.26
CA ARG A 138 -9.24 15.63 -11.08
C ARG A 138 -10.14 16.68 -11.68
N MET A 139 -10.75 16.40 -12.84
CA MET A 139 -11.59 17.40 -13.55
C MET A 139 -12.89 17.63 -12.77
N SER A 140 -13.46 16.58 -12.17
CA SER A 140 -14.83 16.60 -11.64
C SER A 140 -14.99 17.78 -10.67
N VAL A 141 -14.03 18.00 -9.77
CA VAL A 141 -14.14 19.03 -8.71
C VAL A 141 -13.82 20.39 -9.29
N GLN A 142 -12.96 20.45 -10.29
CA GLN A 142 -12.65 21.74 -10.97
C GLN A 142 -13.92 22.25 -11.65
N VAL A 143 -14.64 21.35 -12.31
CA VAL A 143 -15.94 21.66 -12.96
C VAL A 143 -16.97 22.07 -11.88
N GLY A 144 -17.07 21.28 -10.80
CA GLY A 144 -17.96 21.58 -9.66
C GLY A 144 -17.72 22.99 -9.18
N ALA A 145 -16.46 23.37 -8.95
CA ALA A 145 -16.08 24.72 -8.48
C ALA A 145 -16.64 25.75 -9.46
N GLN A 146 -16.47 25.51 -10.75
CA GLN A 146 -16.92 26.44 -11.81
C GLN A 146 -18.44 26.63 -11.71
N PHE A 147 -19.18 25.55 -11.52
CA PHE A 147 -20.66 25.58 -11.50
C PHE A 147 -21.22 26.10 -10.18
N LEU A 148 -20.37 26.25 -9.17
CA LEU A 148 -20.79 26.89 -7.91
C LEU A 148 -20.70 28.41 -8.06
N GLU A 149 -20.15 28.93 -9.17
CA GLU A 149 -20.10 30.38 -9.40
C GLU A 149 -21.49 30.81 -9.89
N LYS A 150 -21.95 32.01 -9.48
CA LYS A 150 -23.34 32.46 -9.78
C LYS A 150 -23.55 32.58 -11.27
N PRO A 151 -22.65 33.22 -12.04
CA PRO A 151 -22.90 33.42 -13.48
C PRO A 151 -23.05 32.10 -14.24
N HIS A 152 -22.64 30.97 -13.64
CA HIS A 152 -22.87 29.62 -14.24
C HIS A 152 -24.08 28.93 -13.64
N GLY A 153 -24.83 29.53 -12.71
CA GLY A 153 -26.11 28.95 -12.21
C GLY A 153 -26.01 28.51 -10.77
N GLY A 154 -24.80 28.58 -10.19
CA GLY A 154 -24.51 28.13 -8.82
C GLY A 154 -24.86 29.15 -7.74
N LYS A 155 -24.77 28.73 -6.49
CA LYS A 155 -25.18 29.57 -5.33
C LYS A 155 -24.14 30.66 -5.13
N GLY A 156 -22.95 30.55 -5.74
CA GLY A 156 -21.94 31.64 -5.69
C GLY A 156 -21.02 31.57 -4.47
N ILE A 157 -20.38 30.42 -4.25
CA ILE A 157 -19.34 30.24 -3.20
C ILE A 157 -18.04 29.81 -3.85
N LEU A 158 -16.94 30.17 -3.21
CA LEU A 158 -15.63 29.47 -3.31
C LEU A 158 -15.64 28.25 -2.39
N LEU A 159 -15.07 27.16 -2.87
CA LEU A 159 -14.99 25.91 -2.07
C LEU A 159 -14.15 26.15 -0.81
N GLY A 160 -13.09 26.93 -0.89
CA GLY A 160 -12.21 27.17 0.25
C GLY A 160 -12.58 28.40 1.04
N GLY A 161 -13.65 29.08 0.64
CA GLY A 161 -14.03 30.34 1.27
C GLY A 161 -12.91 31.35 1.21
N VAL A 162 -12.76 32.05 2.31
CA VAL A 162 -11.73 33.10 2.59
C VAL A 162 -11.60 33.22 4.12
N PRO A 163 -10.61 33.94 4.61
CA PRO A 163 -10.49 34.07 6.07
C PRO A 163 -11.77 34.69 6.68
N GLY A 164 -12.33 34.05 7.70
CA GLY A 164 -13.55 34.47 8.39
C GLY A 164 -14.82 33.91 7.77
N VAL A 165 -14.71 33.15 6.69
CA VAL A 165 -15.87 32.69 5.87
C VAL A 165 -15.77 31.17 5.76
N ARG A 166 -16.89 30.52 6.00
CA ARG A 166 -17.02 29.05 5.97
C ARG A 166 -16.65 28.50 4.57
N ARG A 167 -16.15 27.28 4.54
CA ARG A 167 -15.78 26.54 3.31
C ARG A 167 -17.00 25.84 2.71
N GLY A 168 -16.93 25.54 1.42
CA GLY A 168 -17.88 24.63 0.79
C GLY A 168 -17.72 23.20 1.30
N LYS A 169 -18.78 22.44 1.17
CA LYS A 169 -18.78 21.02 1.55
C LYS A 169 -18.88 20.16 0.30
N VAL A 170 -17.93 19.23 0.18
CA VAL A 170 -17.82 18.32 -0.97
C VAL A 170 -17.99 16.92 -0.45
N THR A 171 -18.95 16.22 -1.02
CA THR A 171 -19.17 14.77 -0.80
C THR A 171 -18.71 14.05 -2.05
N ILE A 172 -17.79 13.12 -1.90
CA ILE A 172 -17.32 12.20 -2.98
C ILE A 172 -17.85 10.80 -2.66
N ILE A 173 -18.68 10.27 -3.57
CA ILE A 173 -19.25 8.92 -3.43
C ILE A 173 -18.45 7.94 -4.29
N GLY A 174 -17.62 7.12 -3.63
CA GLY A 174 -16.70 6.15 -4.25
C GLY A 174 -15.27 6.59 -4.06
N GLY A 175 -14.45 5.76 -3.41
CA GLY A 175 -13.05 6.07 -3.06
C GLY A 175 -12.07 5.32 -3.93
N GLY A 176 -12.44 5.03 -5.16
CA GLY A 176 -11.48 4.40 -6.10
C GLY A 176 -10.58 5.43 -6.77
N THR A 177 -10.14 5.12 -7.98
CA THR A 177 -9.19 5.96 -8.73
C THR A 177 -9.77 7.37 -8.90
N ALA A 178 -10.92 7.48 -9.53
CA ALA A 178 -11.57 8.77 -9.85
C ALA A 178 -11.89 9.54 -8.58
N GLY A 179 -12.51 8.88 -7.60
CA GLY A 179 -12.97 9.52 -6.34
C GLY A 179 -11.79 9.96 -5.48
N THR A 180 -10.71 9.18 -5.43
CA THR A 180 -9.47 9.57 -4.73
C THR A 180 -8.90 10.81 -5.41
N ASN A 181 -8.89 10.83 -6.74
CA ASN A 181 -8.26 11.93 -7.49
C ASN A 181 -9.13 13.19 -7.30
N ALA A 182 -10.46 13.06 -7.38
CA ALA A 182 -11.41 14.14 -7.02
C ALA A 182 -11.10 14.68 -5.61
N ALA A 183 -10.86 13.81 -4.61
CA ALA A 183 -10.65 14.23 -3.21
C ALA A 183 -9.41 15.11 -3.16
N LYS A 184 -8.38 14.76 -3.92
CA LYS A 184 -7.12 15.57 -3.93
C LYS A 184 -7.44 17.01 -4.34
N ILE A 185 -8.25 17.21 -5.38
CA ILE A 185 -8.58 18.57 -5.86
C ILE A 185 -9.52 19.27 -4.84
N ALA A 186 -10.54 18.57 -4.30
CA ALA A 186 -11.47 19.12 -3.25
C ALA A 186 -10.64 19.60 -2.04
N VAL A 187 -9.71 18.79 -1.57
CA VAL A 187 -8.82 19.20 -0.45
C VAL A 187 -8.02 20.43 -0.87
N GLY A 188 -7.42 20.41 -2.06
CA GLY A 188 -6.50 21.50 -2.48
C GLY A 188 -7.26 22.79 -2.69
N LEU A 189 -8.52 22.75 -3.11
CA LEU A 189 -9.31 23.99 -3.28
C LEU A 189 -9.84 24.49 -1.92
N GLY A 190 -9.64 23.72 -0.85
CA GLY A 190 -9.94 24.10 0.54
C GLY A 190 -11.35 23.74 0.99
N ALA A 191 -12.00 22.78 0.32
CA ALA A 191 -13.34 22.26 0.68
C ALA A 191 -13.26 21.49 1.99
N ASP A 192 -14.37 21.41 2.75
CA ASP A 192 -14.60 20.33 3.76
C ASP A 192 -15.02 19.10 2.96
N VAL A 193 -14.28 18.00 3.12
CA VAL A 193 -14.38 16.86 2.19
C VAL A 193 -14.76 15.62 2.95
N THR A 194 -15.84 14.98 2.51
CA THR A 194 -16.24 13.62 2.98
C THR A 194 -16.15 12.66 1.80
N ILE A 195 -15.51 11.52 1.98
CA ILE A 195 -15.44 10.44 0.95
C ILE A 195 -16.17 9.23 1.53
N LEU A 196 -17.16 8.73 0.83
CA LEU A 196 -17.85 7.47 1.19
C LEU A 196 -17.41 6.32 0.31
N ASP A 197 -17.25 5.17 0.93
CA ASP A 197 -16.99 3.90 0.22
C ASP A 197 -17.63 2.78 1.04
N ILE A 198 -18.10 1.73 0.38
CA ILE A 198 -18.64 0.51 1.05
C ILE A 198 -17.49 -0.31 1.58
N ASN A 199 -16.26 -0.06 1.14
CA ASN A 199 -15.15 -0.99 1.47
C ASN A 199 -14.33 -0.41 2.62
N ALA A 200 -14.41 -1.03 3.79
CA ALA A 200 -13.74 -0.59 5.03
C ALA A 200 -12.23 -0.52 4.78
N GLU A 201 -11.67 -1.47 4.04
CA GLU A 201 -10.22 -1.43 3.78
C GLU A 201 -9.85 -0.21 2.94
N ARG A 202 -10.67 0.15 1.96
CA ARG A 202 -10.38 1.36 1.17
C ARG A 202 -10.47 2.59 2.11
N LEU A 203 -11.45 2.64 2.99
CA LEU A 203 -11.60 3.80 3.93
C LEU A 203 -10.33 3.93 4.77
N ARG A 204 -9.75 2.83 5.22
CA ARG A 204 -8.47 2.84 5.99
C ARG A 204 -7.32 3.39 5.13
N GLU A 205 -7.25 2.93 3.90
CA GLU A 205 -6.18 3.38 2.96
C GLU A 205 -6.36 4.87 2.71
N LEU A 206 -7.61 5.31 2.57
CA LEU A 206 -7.92 6.75 2.35
C LEU A 206 -7.51 7.55 3.59
N ASP A 207 -7.70 6.97 4.77
CA ASP A 207 -7.33 7.63 6.04
C ASP A 207 -5.80 7.75 6.08
N ASP A 208 -5.10 6.69 5.68
CA ASP A 208 -3.62 6.67 5.58
C ASP A 208 -3.16 7.75 4.59
N LEU A 209 -3.82 7.85 3.43
CA LEU A 209 -3.44 8.79 2.37
C LEU A 209 -3.79 10.23 2.77
N PHE A 210 -4.98 10.53 3.32
CA PHE A 210 -5.46 11.92 3.54
C PHE A 210 -5.35 12.38 5.01
N GLY A 211 -5.36 11.45 5.95
CA GLY A 211 -5.46 11.74 7.41
C GLY A 211 -6.50 12.80 7.68
N ASP A 212 -6.14 13.83 8.41
CA ASP A 212 -7.12 14.85 8.89
C ASP A 212 -7.63 15.72 7.72
N GLN A 213 -7.16 15.58 6.47
CA GLN A 213 -7.63 16.49 5.40
C GLN A 213 -9.05 16.15 4.96
N VAL A 214 -9.50 14.94 5.25
CA VAL A 214 -10.85 14.51 4.80
C VAL A 214 -11.53 13.78 5.94
N THR A 215 -12.82 13.52 5.79
CA THR A 215 -13.48 12.51 6.63
C THR A 215 -13.82 11.33 5.73
N THR A 216 -13.51 10.13 6.20
CA THR A 216 -13.93 8.85 5.57
C THR A 216 -15.21 8.37 6.27
N LEU A 217 -16.19 7.95 5.48
CA LEU A 217 -17.51 7.56 6.00
C LEU A 217 -17.99 6.31 5.27
N MET A 218 -18.35 5.28 6.02
CA MET A 218 -18.93 4.01 5.46
C MET A 218 -20.17 4.38 4.63
N SER A 219 -20.25 3.87 3.41
CA SER A 219 -21.39 4.15 2.50
C SER A 219 -22.61 3.32 2.92
N ASN A 220 -23.76 3.97 3.04
CA ASN A 220 -25.10 3.31 3.17
C ASN A 220 -26.10 4.43 2.88
N SER A 221 -27.38 4.11 2.62
CA SER A 221 -28.34 5.08 2.05
C SER A 221 -28.54 6.22 3.05
N TYR A 222 -28.47 5.93 4.33
CA TYR A 222 -28.57 6.93 5.42
C TYR A 222 -27.38 7.90 5.38
N HIS A 223 -26.12 7.43 5.39
CA HIS A 223 -24.94 8.32 5.33
C HIS A 223 -25.01 9.14 4.04
N ILE A 224 -25.37 8.51 2.95
CA ILE A 224 -25.46 9.23 1.65
C ILE A 224 -26.50 10.34 1.77
N ALA A 225 -27.72 10.03 2.23
CA ALA A 225 -28.79 11.05 2.43
C ALA A 225 -28.27 12.21 3.28
N GLU A 226 -27.60 11.91 4.38
CA GLU A 226 -27.16 12.99 5.30
C GLU A 226 -26.10 13.84 4.61
N CYS A 227 -25.11 13.23 3.97
CA CYS A 227 -24.01 13.98 3.30
C CYS A 227 -24.63 14.84 2.19
N VAL A 228 -25.50 14.27 1.37
CA VAL A 228 -26.04 14.96 0.17
C VAL A 228 -26.83 16.19 0.62
N ARG A 229 -27.66 16.08 1.67
CA ARG A 229 -28.48 17.21 2.18
C ARG A 229 -27.57 18.40 2.49
N GLU A 230 -26.42 18.18 3.12
CA GLU A 230 -25.47 19.27 3.53
C GLU A 230 -24.53 19.71 2.40
N SER A 231 -24.50 19.06 1.23
CA SER A 231 -23.37 19.26 0.28
C SER A 231 -23.61 20.50 -0.56
N ASP A 232 -22.55 21.23 -0.87
CA ASP A 232 -22.52 22.22 -1.96
C ASP A 232 -22.24 21.47 -3.26
N LEU A 233 -21.37 20.45 -3.22
CA LEU A 233 -20.97 19.69 -4.44
C LEU A 233 -20.98 18.21 -4.11
N VAL A 234 -21.67 17.41 -4.92
CA VAL A 234 -21.61 15.91 -4.84
C VAL A 234 -20.97 15.39 -6.12
N VAL A 235 -19.91 14.61 -5.96
CA VAL A 235 -19.17 13.96 -7.07
C VAL A 235 -19.49 12.48 -6.96
N GLY A 236 -20.11 11.94 -8.01
CA GLY A 236 -20.37 10.49 -8.14
C GLY A 236 -19.16 9.83 -8.76
N ALA A 237 -18.52 8.92 -8.05
CA ALA A 237 -17.29 8.26 -8.54
C ALA A 237 -17.39 6.76 -8.25
N VAL A 238 -18.55 6.16 -8.49
CA VAL A 238 -18.81 4.73 -8.18
C VAL A 238 -18.83 3.92 -9.48
N LEU A 239 -18.18 2.73 -9.41
CA LEU A 239 -18.11 1.66 -10.43
C LEU A 239 -18.13 0.29 -9.74
N ALA A 245 -23.97 0.64 -12.78
CA ALA A 245 -23.71 1.87 -11.97
C ALA A 245 -24.97 2.23 -11.18
N PRO A 246 -25.03 1.95 -9.85
CA PRO A 246 -26.30 1.98 -9.09
C PRO A 246 -26.83 3.39 -8.74
N LYS A 247 -28.15 3.58 -8.59
CA LYS A 247 -28.76 4.92 -8.32
C LYS A 247 -28.71 5.20 -6.83
N LEU A 248 -27.55 5.54 -6.32
CA LEU A 248 -27.28 5.73 -4.87
C LEU A 248 -27.89 7.06 -4.39
N VAL A 249 -28.03 8.04 -5.27
CA VAL A 249 -28.57 9.37 -4.92
C VAL A 249 -29.95 9.55 -5.57
N THR A 250 -30.98 9.42 -4.74
CA THR A 250 -32.40 9.42 -5.15
C THR A 250 -32.86 10.85 -5.36
N GLU A 251 -34.02 10.98 -5.98
CA GLU A 251 -34.70 12.27 -6.15
C GLU A 251 -35.02 12.89 -4.79
N GLU A 252 -35.47 12.12 -3.81
CA GLU A 252 -35.76 12.71 -2.49
C GLU A 252 -34.46 13.37 -1.96
N MET A 253 -33.30 12.71 -2.13
CA MET A 253 -31.99 13.24 -1.64
C MET A 253 -31.67 14.56 -2.36
N VAL A 254 -31.91 14.63 -3.67
CA VAL A 254 -31.56 15.89 -4.40
C VAL A 254 -32.49 16.99 -3.94
N ARG A 255 -33.78 16.68 -3.77
CA ARG A 255 -34.83 17.63 -3.28
C ARG A 255 -34.41 18.20 -1.91
N SER A 256 -33.72 17.42 -1.06
CA SER A 256 -33.29 17.88 0.29
C SER A 256 -32.18 18.94 0.19
N MET A 257 -31.58 19.14 -0.99
CA MET A 257 -30.36 19.99 -1.13
C MET A 257 -30.77 21.45 -1.18
N THR A 258 -29.82 22.35 -0.92
CA THR A 258 -29.99 23.82 -1.07
C THR A 258 -29.87 24.20 -2.54
N PRO A 259 -30.67 25.18 -3.01
CA PRO A 259 -30.63 25.62 -4.41
C PRO A 259 -29.23 26.13 -4.81
N GLY A 260 -28.82 25.87 -6.05
CA GLY A 260 -27.51 26.27 -6.57
C GLY A 260 -26.35 25.38 -6.08
N SER A 261 -26.63 24.29 -5.38
CA SER A 261 -25.72 23.12 -5.23
C SER A 261 -25.46 22.46 -6.60
N VAL A 262 -24.44 21.62 -6.67
CA VAL A 262 -23.94 21.10 -7.98
C VAL A 262 -23.71 19.61 -7.85
N LEU A 263 -24.17 18.85 -8.83
CA LEU A 263 -23.92 17.40 -8.98
C LEU A 263 -23.06 17.16 -10.23
N VAL A 264 -21.99 16.38 -10.07
CA VAL A 264 -21.07 15.92 -11.14
C VAL A 264 -20.88 14.41 -10.95
N ASP A 265 -21.07 13.66 -12.02
CA ASP A 265 -20.77 12.22 -12.05
C ASP A 265 -19.51 12.05 -12.91
N VAL A 266 -18.52 11.32 -12.43
CA VAL A 266 -17.44 10.86 -13.33
C VAL A 266 -18.07 9.84 -14.30
N ALA A 267 -19.18 9.19 -13.92
CA ALA A 267 -19.71 7.97 -14.56
C ALA A 267 -20.81 8.28 -15.60
N ILE A 268 -20.83 9.46 -16.23
CA ILE A 268 -22.11 9.99 -16.78
C ILE A 268 -22.53 9.14 -17.98
N ASP A 269 -21.66 8.92 -18.97
CA ASP A 269 -22.09 8.14 -20.17
C ASP A 269 -22.32 6.68 -19.76
N GLN A 270 -21.92 6.26 -18.54
CA GLN A 270 -22.14 4.89 -17.99
C GLN A 270 -23.41 4.82 -17.12
N GLY A 271 -24.26 5.84 -17.16
CA GLY A 271 -25.52 5.90 -16.36
C GLY A 271 -25.40 6.87 -15.19
N GLY A 272 -24.36 6.70 -14.37
CA GLY A 272 -24.16 7.54 -13.18
C GLY A 272 -25.01 7.12 -11.98
N ILE A 273 -24.77 7.75 -10.83
CA ILE A 273 -25.35 7.32 -9.54
C ILE A 273 -26.56 8.21 -9.17
N PHE A 274 -26.87 9.25 -9.95
CA PHE A 274 -27.93 10.24 -9.62
C PHE A 274 -29.22 9.86 -10.37
N GLU A 275 -30.28 9.50 -9.64
CA GLU A 275 -31.62 9.22 -10.23
C GLU A 275 -32.05 10.40 -11.12
N THR A 276 -31.71 11.63 -10.77
CA THR A 276 -32.22 12.85 -11.44
C THR A 276 -31.43 13.18 -12.72
N THR A 277 -30.26 12.59 -13.02
CA THR A 277 -29.59 12.83 -14.34
C THR A 277 -30.24 11.93 -15.41
N ASP A 278 -31.29 12.42 -16.09
CA ASP A 278 -32.06 11.67 -17.11
C ASP A 278 -31.30 11.69 -18.46
N ARG A 279 -30.38 12.64 -18.68
CA ARG A 279 -29.70 12.77 -19.98
C ARG A 279 -28.31 13.40 -19.87
N VAL A 280 -27.54 13.25 -20.95
CA VAL A 280 -26.16 13.76 -21.14
C VAL A 280 -26.27 15.06 -21.94
N THR A 281 -25.35 16.01 -21.74
CA THR A 281 -25.34 17.35 -22.37
C THR A 281 -23.97 17.59 -23.02
N THR A 282 -23.79 18.75 -23.66
CA THR A 282 -22.52 19.20 -24.30
C THR A 282 -22.10 20.57 -23.75
N HIS A 283 -20.84 20.97 -24.00
CA HIS A 283 -20.14 22.15 -23.40
C HIS A 283 -20.89 23.47 -23.70
N ASP A 284 -21.76 23.53 -24.72
CA ASP A 284 -22.50 24.75 -25.10
C ASP A 284 -23.83 24.87 -24.34
N ASP A 285 -24.37 23.77 -23.79
CA ASP A 285 -25.52 23.85 -22.83
C ASP A 285 -25.29 22.78 -21.77
N PRO A 286 -24.32 23.00 -20.85
CA PRO A 286 -23.71 21.91 -20.08
C PRO A 286 -24.52 21.40 -18.88
N THR A 287 -25.48 22.19 -18.40
CA THR A 287 -26.20 21.86 -17.15
C THR A 287 -27.69 21.92 -17.38
N TYR A 288 -28.43 21.24 -16.52
CA TYR A 288 -29.87 21.50 -16.32
C TYR A 288 -30.10 21.60 -14.81
N VAL A 289 -31.23 22.19 -14.45
CA VAL A 289 -31.60 22.42 -13.04
C VAL A 289 -32.81 21.55 -12.75
N LYS A 290 -32.76 20.80 -11.66
CA LYS A 290 -33.91 20.07 -11.11
C LYS A 290 -33.89 20.27 -9.59
N HIS A 291 -35.03 20.68 -9.04
CA HIS A 291 -35.19 21.06 -7.62
C HIS A 291 -34.14 22.11 -7.23
N GLY A 292 -33.85 23.05 -8.12
CA GLY A 292 -32.92 24.16 -7.88
C GLY A 292 -31.45 23.71 -7.87
N VAL A 293 -31.16 22.41 -8.08
CA VAL A 293 -29.78 21.82 -8.08
C VAL A 293 -29.23 21.78 -9.52
N VAL A 294 -28.01 22.26 -9.69
CA VAL A 294 -27.31 22.28 -11.01
C VAL A 294 -26.78 20.87 -11.27
N HIS A 295 -27.30 20.22 -12.31
CA HIS A 295 -26.85 18.90 -12.81
C HIS A 295 -25.88 19.13 -13.96
N TYR A 296 -24.59 18.86 -13.74
CA TYR A 296 -23.57 18.86 -14.82
C TYR A 296 -23.53 17.47 -15.44
N ALA A 297 -23.77 17.41 -16.74
CA ALA A 297 -24.12 16.18 -17.50
C ALA A 297 -23.26 16.05 -18.78
N VAL A 298 -22.12 16.74 -18.85
CA VAL A 298 -21.23 16.71 -20.06
C VAL A 298 -20.36 15.46 -19.94
N ALA A 299 -20.47 14.55 -20.93
CA ALA A 299 -19.70 13.29 -21.03
C ALA A 299 -18.20 13.60 -21.23
N ASN A 300 -17.33 12.65 -20.88
CA ASN A 300 -15.91 12.67 -21.33
C ASN A 300 -15.21 13.96 -20.89
N MET A 301 -15.09 14.18 -19.60
CA MET A 301 -14.41 15.38 -19.11
C MET A 301 -12.94 15.33 -19.49
N PRO A 302 -12.24 14.17 -19.59
CA PRO A 302 -10.86 14.15 -20.07
C PRO A 302 -10.68 14.81 -21.45
N GLY A 303 -11.75 14.87 -22.23
CA GLY A 303 -11.76 15.52 -23.54
C GLY A 303 -11.51 17.02 -23.46
N ALA A 304 -11.77 17.62 -22.30
CA ALA A 304 -11.62 19.07 -22.06
C ALA A 304 -10.18 19.41 -21.78
N VAL A 305 -9.36 18.42 -21.41
CA VAL A 305 -7.89 18.65 -21.23
C VAL A 305 -7.10 17.70 -22.14
N PRO A 306 -7.22 17.84 -23.48
CA PRO A 306 -6.72 16.82 -24.41
C PRO A 306 -5.21 16.60 -24.34
N ARG A 307 -4.44 17.63 -24.05
CA ARG A 307 -2.99 17.48 -23.92
C ARG A 307 -2.66 16.60 -22.72
N THR A 308 -3.12 16.95 -21.53
CA THR A 308 -2.96 16.12 -20.31
C THR A 308 -3.44 14.69 -20.63
N SER A 309 -4.64 14.54 -21.19
CA SER A 309 -5.24 13.20 -21.40
C SER A 309 -4.40 12.39 -22.43
N THR A 310 -3.87 13.07 -23.44
CA THR A 310 -3.06 12.43 -24.49
C THR A 310 -1.81 11.84 -23.82
N PHE A 311 -1.13 12.64 -23.01
CA PHE A 311 0.08 12.18 -22.31
C PHE A 311 -0.28 10.99 -21.43
N ALA A 312 -1.41 11.05 -20.71
CA ALA A 312 -1.74 10.05 -19.68
C ALA A 312 -2.03 8.73 -20.37
N LEU A 313 -2.74 8.79 -21.50
CA LEU A 313 -3.12 7.57 -22.26
C LEU A 313 -1.89 6.98 -22.96
N THR A 314 -1.21 7.78 -23.78
CA THR A 314 -0.05 7.34 -24.59
C THR A 314 1.09 6.86 -23.69
N ASN A 315 1.12 7.29 -22.42
CA ASN A 315 2.14 6.85 -21.43
C ASN A 315 2.04 5.33 -21.30
N VAL A 316 0.84 4.79 -21.40
CA VAL A 316 0.63 3.36 -21.08
C VAL A 316 0.23 2.60 -22.35
N THR A 317 -0.25 3.25 -23.41
CA THR A 317 -0.62 2.53 -24.65
C THR A 317 0.64 2.16 -25.45
N ILE A 318 1.60 3.08 -25.61
CA ILE A 318 2.73 2.90 -26.54
C ILE A 318 3.60 1.70 -26.15
N PRO A 319 3.85 1.36 -24.85
CA PRO A 319 4.54 0.12 -24.50
C PRO A 319 3.89 -1.15 -25.08
N TYR A 320 2.57 -1.16 -25.20
CA TYR A 320 1.84 -2.30 -25.79
C TYR A 320 2.00 -2.25 -27.32
N ALA A 321 1.84 -1.08 -27.91
CA ALA A 321 2.08 -0.91 -29.35
C ALA A 321 3.50 -1.37 -29.72
N LEU A 322 4.49 -1.10 -28.85
CA LEU A 322 5.91 -1.41 -29.12
C LEU A 322 6.07 -2.93 -29.23
N GLN A 323 5.32 -3.65 -28.41
CA GLN A 323 5.38 -5.12 -28.33
C GLN A 323 4.80 -5.66 -29.62
N ILE A 324 3.66 -5.11 -30.05
CA ILE A 324 2.99 -5.55 -31.29
C ILE A 324 3.95 -5.30 -32.45
N ALA A 325 4.61 -4.15 -32.48
CA ALA A 325 5.46 -3.79 -33.62
C ALA A 325 6.72 -4.67 -33.63
N ASN A 326 7.31 -4.94 -32.46
CA ASN A 326 8.55 -5.73 -32.30
C ASN A 326 8.27 -7.17 -32.74
N LYS A 327 7.16 -7.76 -32.32
CA LYS A 327 6.98 -9.22 -32.39
C LYS A 327 5.89 -9.60 -33.36
N GLY A 328 5.12 -8.63 -33.86
CA GLY A 328 3.82 -8.89 -34.51
C GLY A 328 2.77 -9.24 -33.47
N TYR A 329 1.49 -9.05 -33.81
CA TYR A 329 0.40 -9.09 -32.82
C TYR A 329 0.34 -10.49 -32.21
N ARG A 330 0.64 -11.53 -33.01
CA ARG A 330 0.40 -12.92 -32.54
C ARG A 330 1.35 -13.20 -31.36
N ALA A 331 2.65 -13.01 -31.56
CA ALA A 331 3.65 -13.35 -30.53
C ALA A 331 3.53 -12.33 -29.38
N ALA A 332 3.22 -11.06 -29.66
CA ALA A 332 3.00 -10.03 -28.61
C ALA A 332 1.91 -10.52 -27.65
N CYS A 333 0.81 -11.05 -28.20
CA CYS A 333 -0.35 -11.54 -27.42
C CYS A 333 -0.06 -12.86 -26.72
N LEU A 334 0.72 -13.77 -27.33
CA LEU A 334 1.02 -15.06 -26.67
C LEU A 334 2.04 -14.80 -25.57
N ASP A 335 2.84 -13.74 -25.72
CA ASP A 335 3.84 -13.39 -24.69
C ASP A 335 3.24 -12.50 -23.60
N ASN A 336 2.06 -11.90 -23.81
CA ASN A 336 1.52 -10.86 -22.89
C ASN A 336 0.02 -11.11 -22.76
N PRO A 337 -0.34 -11.86 -21.70
CA PRO A 337 -1.73 -12.26 -21.49
C PRO A 337 -2.64 -11.03 -21.34
N ALA A 338 -2.17 -9.95 -20.72
CA ALA A 338 -2.99 -8.72 -20.63
C ALA A 338 -3.34 -8.23 -22.04
N LEU A 339 -2.34 -8.08 -22.91
CA LEU A 339 -2.54 -7.62 -24.31
C LEU A 339 -3.43 -8.62 -25.07
N LEU A 340 -3.30 -9.92 -24.80
CA LEU A 340 -4.16 -10.95 -25.43
C LEU A 340 -5.62 -10.57 -25.18
N LYS A 341 -5.95 -10.11 -23.99
CA LYS A 341 -7.37 -9.81 -23.68
C LYS A 341 -7.86 -8.58 -24.42
N GLY A 342 -6.96 -7.75 -24.97
CA GLY A 342 -7.28 -6.61 -25.87
C GLY A 342 -7.96 -7.03 -27.17
N ILE A 343 -7.68 -8.24 -27.67
CA ILE A 343 -8.16 -8.70 -28.99
C ILE A 343 -9.68 -8.91 -28.88
N ASN A 344 -10.43 -8.23 -29.72
CA ASN A 344 -11.90 -8.35 -29.78
C ASN A 344 -12.32 -8.96 -31.15
N THR A 345 -11.64 -8.62 -32.24
CA THR A 345 -11.89 -9.22 -33.58
C THR A 345 -10.56 -9.75 -34.13
N LEU A 346 -10.61 -10.87 -34.87
CA LEU A 346 -9.43 -11.58 -35.45
C LEU A 346 -9.90 -12.46 -36.62
N ASP A 347 -9.29 -12.29 -37.82
CA ASP A 347 -9.52 -13.10 -39.06
C ASP A 347 -11.01 -13.40 -39.24
N GLY A 348 -11.87 -12.38 -39.09
CA GLY A 348 -13.31 -12.51 -39.37
C GLY A 348 -14.09 -13.12 -38.22
N HIS A 349 -13.49 -13.25 -37.03
CA HIS A 349 -14.19 -13.77 -35.83
C HIS A 349 -14.24 -12.70 -34.73
N ILE A 350 -15.33 -12.70 -33.96
CA ILE A 350 -15.48 -11.99 -32.67
C ILE A 350 -14.92 -12.89 -31.57
N VAL A 351 -13.87 -12.47 -30.86
CA VAL A 351 -13.14 -13.38 -29.93
C VAL A 351 -13.32 -12.89 -28.50
N TYR A 352 -14.31 -12.04 -28.27
CA TYR A 352 -14.65 -11.46 -26.95
C TYR A 352 -16.13 -11.70 -26.71
N GLU A 353 -16.41 -12.57 -25.75
CA GLU A 353 -17.73 -13.20 -25.53
C GLU A 353 -18.82 -12.14 -25.44
N ALA A 354 -18.61 -11.12 -24.60
CA ALA A 354 -19.64 -10.08 -24.30
C ALA A 354 -20.11 -9.45 -25.60
N VAL A 355 -19.18 -9.15 -26.50
CA VAL A 355 -19.43 -8.41 -27.78
C VAL A 355 -20.27 -9.30 -28.69
N ALA A 356 -19.90 -10.59 -28.79
CA ALA A 356 -20.65 -11.60 -29.57
C ALA A 356 -22.10 -11.63 -29.05
N ALA A 357 -22.25 -11.83 -27.73
CA ALA A 357 -23.55 -11.87 -27.02
C ALA A 357 -24.39 -10.67 -27.44
N ALA A 358 -23.85 -9.47 -27.24
CA ALA A 358 -24.53 -8.16 -27.46
C ALA A 358 -25.15 -8.05 -28.84
N HIS A 359 -24.57 -8.66 -29.88
CA HIS A 359 -25.05 -8.52 -31.27
C HIS A 359 -25.62 -9.85 -31.79
N ASN A 360 -25.76 -10.87 -30.92
CA ASN A 360 -26.36 -12.17 -31.28
C ASN A 360 -25.51 -12.80 -32.38
N MET A 361 -24.19 -12.70 -32.25
CA MET A 361 -23.22 -13.14 -33.28
C MET A 361 -22.43 -14.30 -32.70
N PRO A 362 -21.79 -15.13 -33.56
CA PRO A 362 -20.92 -16.20 -33.06
C PRO A 362 -19.67 -15.67 -32.34
N TYR A 363 -19.35 -16.30 -31.21
CA TYR A 363 -18.12 -16.15 -30.39
C TYR A 363 -17.10 -17.22 -30.81
N THR A 364 -15.82 -16.88 -30.96
CA THR A 364 -14.71 -17.85 -31.11
C THR A 364 -13.65 -17.64 -30.03
N ASP A 365 -13.12 -18.72 -29.45
CA ASP A 365 -12.01 -18.66 -28.47
C ASP A 365 -10.75 -18.12 -29.16
N VAL A 366 -10.17 -17.01 -28.67
CA VAL A 366 -9.00 -16.36 -29.32
C VAL A 366 -7.82 -17.32 -29.36
N HIS A 367 -7.59 -18.13 -28.31
CA HIS A 367 -6.44 -19.09 -28.23
C HIS A 367 -6.50 -20.05 -29.43
N SER A 368 -7.70 -20.48 -29.82
CA SER A 368 -7.89 -21.44 -30.95
C SER A 368 -7.38 -20.79 -32.24
N LEU A 369 -7.65 -19.50 -32.48
CA LEU A 369 -7.24 -18.78 -33.71
C LEU A 369 -5.73 -18.51 -33.71
N LEU A 370 -5.12 -18.16 -32.58
CA LEU A 370 -3.68 -17.83 -32.49
C LEU A 370 -2.81 -19.09 -32.50
N GLN A 371 -3.33 -20.19 -31.95
CA GLN A 371 -2.62 -21.49 -31.83
C GLN A 371 -1.17 -21.22 -31.39
N MET B 1 24.30 -22.87 19.64
CA MET B 1 25.31 -22.79 18.60
C MET B 1 26.36 -21.80 19.06
N LYS B 2 27.60 -22.02 18.64
CA LYS B 2 28.72 -21.07 18.78
C LYS B 2 28.73 -20.19 17.53
N ILE B 3 28.66 -18.88 17.73
CA ILE B 3 28.51 -17.92 16.62
C ILE B 3 29.69 -16.96 16.65
N GLY B 4 30.29 -16.71 15.48
CA GLY B 4 31.50 -15.88 15.36
C GLY B 4 31.30 -14.70 14.43
N ILE B 5 31.82 -13.54 14.83
CA ILE B 5 31.78 -12.31 14.02
C ILE B 5 33.19 -11.75 13.97
N PRO B 6 33.95 -12.03 12.90
CA PRO B 6 35.25 -11.40 12.73
C PRO B 6 35.09 -9.96 12.26
N LYS B 7 36.17 -9.21 12.41
CA LYS B 7 36.31 -7.87 11.84
C LYS B 7 36.34 -8.02 10.34
N GLU B 8 35.71 -7.09 9.65
CA GLU B 8 35.81 -6.93 8.17
C GLU B 8 37.21 -6.41 7.88
N ILE B 9 37.91 -7.08 6.95
CA ILE B 9 39.32 -6.77 6.61
C ILE B 9 39.36 -6.08 5.26
N LYS B 10 38.31 -6.09 4.46
CA LYS B 10 38.38 -5.40 3.14
C LYS B 10 38.70 -3.94 3.41
N ASN B 11 39.31 -3.31 2.43
CA ASN B 11 39.98 -2.01 2.63
C ASN B 11 38.88 -0.99 2.99
N ASN B 12 38.98 -0.41 4.19
CA ASN B 12 38.09 0.68 4.69
C ASN B 12 36.66 0.16 4.89
N GLU B 13 36.47 -1.15 5.00
CA GLU B 13 35.18 -1.74 5.43
C GLU B 13 35.05 -1.51 6.94
N ASN B 14 34.12 -0.65 7.31
CA ASN B 14 33.86 -0.24 8.72
C ASN B 14 32.54 -0.81 9.24
N ARG B 15 31.74 -1.45 8.40
CA ARG B 15 30.53 -2.16 8.91
C ARG B 15 30.96 -3.42 9.68
N VAL B 16 30.02 -3.97 10.42
CA VAL B 16 30.21 -5.22 11.19
C VAL B 16 28.88 -5.98 11.16
N ALA B 17 28.93 -7.30 11.25
CA ALA B 17 27.73 -8.14 10.99
C ALA B 17 26.89 -8.36 12.25
N ILE B 18 27.26 -7.76 13.37
CA ILE B 18 26.42 -7.75 14.61
C ILE B 18 26.67 -6.49 15.44
N THR B 19 25.64 -6.08 16.17
CA THR B 19 25.64 -4.97 17.15
C THR B 19 25.42 -5.59 18.52
N PRO B 20 25.70 -4.86 19.63
CA PRO B 20 25.43 -5.38 20.98
C PRO B 20 24.01 -5.91 21.10
N ALA B 21 23.06 -5.27 20.46
CA ALA B 21 21.66 -5.69 20.59
C ALA B 21 21.49 -7.06 19.96
N GLY B 22 22.13 -7.35 18.82
CA GLY B 22 21.99 -8.68 18.18
C GLY B 22 22.66 -9.73 19.03
N VAL B 23 23.81 -9.39 19.60
CA VAL B 23 24.53 -10.27 20.57
C VAL B 23 23.54 -10.67 21.67
N MET B 24 22.88 -9.69 22.26
CA MET B 24 21.90 -9.94 23.35
C MET B 24 20.80 -10.89 22.86
N THR B 25 20.18 -10.64 21.70
CA THR B 25 19.17 -11.57 21.12
C THR B 25 19.75 -13.01 21.08
N LEU B 26 20.98 -13.20 20.62
CA LEU B 26 21.50 -14.57 20.40
C LEU B 26 21.88 -15.20 21.77
N VAL B 27 22.51 -14.43 22.66
CA VAL B 27 22.91 -14.92 24.02
C VAL B 27 21.67 -15.32 24.83
N LYS B 28 20.63 -14.48 24.85
CA LYS B 28 19.39 -14.79 25.57
C LYS B 28 18.75 -16.04 24.98
N ALA B 29 18.88 -16.34 23.69
CA ALA B 29 18.37 -17.61 23.12
C ALA B 29 19.32 -18.78 23.45
N GLY B 30 20.44 -18.56 24.15
CA GLY B 30 21.30 -19.66 24.65
C GLY B 30 22.50 -19.95 23.74
N HIS B 31 22.86 -19.03 22.87
CA HIS B 31 24.01 -19.25 21.97
C HIS B 31 25.23 -18.53 22.51
N ASP B 32 26.39 -19.06 22.19
CA ASP B 32 27.69 -18.44 22.58
C ASP B 32 28.09 -17.55 21.40
N VAL B 33 28.45 -16.31 21.67
CA VAL B 33 28.81 -15.34 20.63
C VAL B 33 30.21 -14.85 20.91
N TYR B 34 31.02 -14.91 19.85
CA TYR B 34 32.44 -14.58 19.83
C TYR B 34 32.60 -13.43 18.83
N VAL B 35 33.13 -12.30 19.30
CA VAL B 35 33.36 -11.15 18.41
C VAL B 35 34.86 -10.89 18.41
N GLU B 36 35.46 -10.70 17.23
CA GLU B 36 36.89 -10.34 17.13
C GLU B 36 37.02 -8.92 17.68
N THR B 37 38.00 -8.72 18.58
CA THR B 37 38.40 -7.39 19.10
C THR B 37 38.45 -6.38 17.93
N GLU B 38 37.84 -5.19 18.12
CA GLU B 38 37.80 -4.06 17.16
C GLU B 38 36.83 -4.33 16.00
N ALA B 39 36.06 -5.44 16.02
CA ALA B 39 35.19 -5.76 14.87
C ALA B 39 34.15 -4.63 14.67
N GLY B 40 33.65 -4.02 15.76
CA GLY B 40 32.65 -2.94 15.73
C GLY B 40 33.19 -1.53 15.81
N ALA B 41 34.51 -1.36 15.94
CA ALA B 41 35.14 -0.03 16.19
C ALA B 41 34.77 0.95 15.08
N GLY B 42 34.78 0.50 13.84
CA GLY B 42 34.51 1.39 12.69
C GLY B 42 33.05 1.80 12.64
N SER B 43 32.14 1.12 13.34
CA SER B 43 30.71 1.49 13.37
C SER B 43 30.35 2.11 14.72
N GLY B 44 31.33 2.31 15.61
CA GLY B 44 31.24 2.89 16.96
C GLY B 44 30.74 1.92 18.03
N PHE B 45 30.96 0.61 17.86
CA PHE B 45 30.63 -0.41 18.88
C PHE B 45 31.93 -0.93 19.49
N SER B 46 32.15 -0.63 20.77
CA SER B 46 33.36 -1.00 21.55
C SER B 46 33.27 -2.47 21.95
N ASP B 47 34.42 -3.11 22.11
CA ASP B 47 34.56 -4.49 22.63
C ASP B 47 33.75 -4.61 23.92
N SER B 48 33.90 -3.60 24.78
CA SER B 48 33.24 -3.50 26.11
C SER B 48 31.70 -3.58 25.95
N GLU B 49 31.09 -2.81 25.02
CA GLU B 49 29.62 -2.87 24.78
C GLU B 49 29.21 -4.29 24.35
N TYR B 50 29.99 -4.94 23.47
CA TYR B 50 29.67 -6.30 22.98
C TYR B 50 29.74 -7.25 24.18
N GLU B 51 30.77 -7.10 25.03
CA GLU B 51 30.99 -7.95 26.22
C GLU B 51 29.83 -7.81 27.20
N LYS B 52 29.40 -6.55 27.42
CA LYS B 52 28.24 -6.26 28.32
C LYS B 52 26.95 -6.90 27.79
N ALA B 53 26.81 -7.06 26.47
CA ALA B 53 25.62 -7.71 25.85
C ALA B 53 25.74 -9.25 25.89
N GLY B 54 26.91 -9.80 26.28
CA GLY B 54 27.08 -11.25 26.53
C GLY B 54 28.09 -11.93 25.60
N ALA B 55 28.84 -11.18 24.80
CA ALA B 55 29.82 -11.75 23.84
C ALA B 55 31.12 -12.04 24.58
N VAL B 56 31.88 -13.01 24.06
CA VAL B 56 33.30 -13.21 24.41
C VAL B 56 34.12 -12.48 23.36
N ILE B 57 34.99 -11.57 23.76
CA ILE B 57 35.90 -10.93 22.80
C ILE B 57 37.04 -11.91 22.59
N VAL B 58 37.38 -12.22 21.34
CA VAL B 58 38.55 -13.04 20.94
C VAL B 58 39.56 -12.11 20.29
N THR B 59 40.84 -12.39 20.51
CA THR B 59 42.01 -11.61 20.05
C THR B 59 42.31 -11.89 18.59
N LYS B 60 41.99 -13.09 18.09
CA LYS B 60 42.43 -13.54 16.74
C LYS B 60 41.23 -13.78 15.81
N ALA B 61 41.32 -13.39 14.54
CA ALA B 61 40.30 -13.67 13.51
C ALA B 61 39.94 -15.15 13.57
N GLU B 62 40.98 -15.98 13.66
CA GLU B 62 40.94 -17.46 13.61
C GLU B 62 39.95 -18.02 14.64
N ASP B 63 39.90 -17.39 15.82
CA ASP B 63 39.03 -17.80 16.96
C ASP B 63 37.56 -17.44 16.70
N ALA B 64 37.29 -16.44 15.85
CA ALA B 64 35.91 -16.08 15.46
C ALA B 64 35.45 -17.03 14.36
N TRP B 65 36.35 -17.31 13.41
CA TRP B 65 36.06 -18.24 12.29
C TRP B 65 35.89 -19.68 12.78
N ALA B 66 36.40 -20.00 13.97
CA ALA B 66 36.35 -21.35 14.56
C ALA B 66 34.91 -21.65 14.98
N ALA B 67 34.07 -20.62 15.04
CA ALA B 67 32.64 -20.76 15.45
C ALA B 67 31.94 -21.66 14.44
N GLU B 68 30.80 -22.25 14.81
CA GLU B 68 30.00 -23.14 13.92
C GLU B 68 29.35 -22.30 12.81
N MET B 69 28.98 -21.06 13.13
CA MET B 69 28.40 -20.11 12.16
C MET B 69 29.15 -18.81 12.30
N VAL B 70 29.58 -18.29 11.15
CA VAL B 70 30.30 -17.01 11.02
C VAL B 70 29.37 -16.07 10.26
N LEU B 71 29.17 -14.90 10.85
CA LEU B 71 28.39 -13.80 10.24
C LEU B 71 29.39 -12.79 9.74
N LYS B 72 29.23 -12.30 8.53
CA LYS B 72 30.09 -11.21 8.00
C LYS B 72 29.22 -10.26 7.20
N VAL B 73 29.83 -9.21 6.72
CA VAL B 73 29.23 -8.21 5.79
C VAL B 73 29.68 -8.52 4.37
N LYS B 74 31.01 -8.56 4.16
CA LYS B 74 31.57 -8.74 2.80
C LYS B 74 31.91 -10.21 2.53
N GLU B 75 32.23 -10.52 1.29
CA GLU B 75 32.65 -11.89 0.86
C GLU B 75 34.04 -12.15 1.47
N PRO B 76 34.38 -13.40 1.87
CA PRO B 76 35.76 -13.69 2.27
C PRO B 76 36.77 -13.35 1.15
N LEU B 77 37.86 -12.69 1.49
CA LEU B 77 39.00 -12.47 0.54
C LEU B 77 39.84 -13.75 0.41
N ALA B 78 40.65 -13.86 -0.63
CA ALA B 78 41.59 -14.99 -0.85
C ALA B 78 42.32 -15.33 0.44
N GLU B 79 42.82 -14.32 1.15
CA GLU B 79 43.56 -14.51 2.42
C GLU B 79 42.69 -15.09 3.53
N GLU B 80 41.38 -15.24 3.34
CA GLU B 80 40.48 -15.84 4.38
C GLU B 80 40.04 -17.25 3.99
N PHE B 81 40.34 -17.75 2.78
CA PHE B 81 39.88 -19.10 2.35
C PHE B 81 40.40 -20.13 3.37
N ARG B 82 41.54 -19.83 3.99
CA ARG B 82 42.23 -20.71 4.99
C ARG B 82 41.25 -21.10 6.07
N TYR B 83 40.27 -20.25 6.40
CA TYR B 83 39.38 -20.52 7.57
C TYR B 83 38.22 -21.43 7.18
N PHE B 84 37.95 -21.57 5.88
CA PHE B 84 36.88 -22.49 5.40
C PHE B 84 37.18 -23.91 5.91
N ARG B 85 36.14 -24.67 6.21
CA ARG B 85 36.25 -26.08 6.63
C ARG B 85 34.89 -26.74 6.48
N PRO B 86 34.84 -28.08 6.33
CA PRO B 86 33.58 -28.78 6.09
C PRO B 86 32.59 -28.49 7.20
N GLY B 87 31.36 -28.12 6.83
CA GLY B 87 30.26 -27.92 7.79
C GLY B 87 30.24 -26.53 8.42
N LEU B 88 31.23 -25.68 8.16
CA LEU B 88 31.18 -24.25 8.58
C LEU B 88 29.96 -23.60 7.93
N ILE B 89 29.15 -22.93 8.74
CA ILE B 89 28.04 -22.09 8.21
C ILE B 89 28.58 -20.67 8.06
N LEU B 90 28.55 -20.15 6.85
CA LEU B 90 28.95 -18.75 6.55
C LEU B 90 27.74 -18.01 6.01
N PHE B 91 27.41 -16.86 6.61
CA PHE B 91 26.22 -16.03 6.28
C PHE B 91 26.70 -14.59 6.08
N THR B 92 26.71 -14.10 4.84
CA THR B 92 27.36 -12.83 4.45
C THR B 92 26.87 -12.45 3.06
N TYR B 93 27.19 -11.26 2.57
CA TYR B 93 27.05 -10.90 1.14
C TYR B 93 28.13 -11.68 0.35
N LEU B 94 27.77 -12.60 -0.53
CA LEU B 94 28.76 -13.50 -1.22
C LEU B 94 28.98 -13.04 -2.66
N HIS B 95 27.92 -12.68 -3.36
CA HIS B 95 27.99 -12.32 -4.80
C HIS B 95 28.80 -13.39 -5.55
N LEU B 96 28.43 -14.65 -5.39
CA LEU B 96 29.25 -15.79 -5.90
C LEU B 96 29.27 -15.78 -7.44
N ALA B 97 28.25 -15.25 -8.11
CA ALA B 97 28.19 -15.28 -9.59
C ALA B 97 29.31 -14.44 -10.17
N ALA B 98 29.93 -13.56 -9.39
CA ALA B 98 31.01 -12.68 -9.88
C ALA B 98 32.37 -13.16 -9.37
N ALA B 99 32.41 -14.22 -8.57
CA ALA B 99 33.64 -14.60 -7.82
C ALA B 99 33.90 -16.09 -7.99
N GLU B 100 34.55 -16.47 -9.09
CA GLU B 100 34.86 -17.90 -9.36
C GLU B 100 35.76 -18.49 -8.27
N ALA B 101 36.80 -17.77 -7.83
CA ALA B 101 37.76 -18.35 -6.85
C ALA B 101 37.04 -18.66 -5.54
N LEU B 102 36.26 -17.69 -5.02
CA LEU B 102 35.56 -17.90 -3.72
C LEU B 102 34.61 -19.09 -3.88
N THR B 103 33.84 -19.11 -4.95
CA THR B 103 32.89 -20.20 -5.20
C THR B 103 33.67 -21.51 -5.04
N LYS B 104 34.82 -21.66 -5.72
CA LYS B 104 35.52 -22.98 -5.78
C LYS B 104 36.00 -23.35 -4.39
N ALA B 105 36.47 -22.36 -3.62
CA ALA B 105 36.99 -22.64 -2.26
C ALA B 105 35.84 -23.10 -1.34
N LEU B 106 34.65 -22.48 -1.45
CA LEU B 106 33.47 -22.88 -0.62
C LEU B 106 33.07 -24.30 -0.99
N VAL B 107 33.08 -24.60 -2.28
CA VAL B 107 32.78 -25.98 -2.77
C VAL B 107 33.83 -26.96 -2.22
N GLU B 108 35.11 -26.67 -2.42
CA GLU B 108 36.26 -27.55 -2.01
C GLU B 108 36.21 -27.83 -0.51
N GLN B 109 35.95 -26.84 0.35
CA GLN B 109 35.94 -27.09 1.82
C GLN B 109 34.52 -27.39 2.36
N LYS B 110 33.55 -27.67 1.50
CA LYS B 110 32.19 -28.14 1.91
C LYS B 110 31.58 -27.14 2.90
N VAL B 111 31.67 -25.86 2.59
CA VAL B 111 31.07 -24.77 3.43
C VAL B 111 29.58 -24.69 3.13
N VAL B 112 28.76 -24.58 4.17
CA VAL B 112 27.36 -24.08 4.02
C VAL B 112 27.43 -22.57 3.78
N GLY B 113 27.42 -22.17 2.52
CA GLY B 113 27.57 -20.77 2.09
C GLY B 113 26.21 -20.15 1.86
N ILE B 114 25.77 -19.26 2.76
CA ILE B 114 24.43 -18.63 2.65
C ILE B 114 24.63 -17.16 2.33
N ALA B 115 24.08 -16.71 1.21
CA ALA B 115 24.23 -15.34 0.69
C ALA B 115 23.06 -14.48 1.19
N TYR B 116 23.33 -13.43 1.96
CA TYR B 116 22.33 -12.39 2.32
C TYR B 116 21.49 -12.04 1.09
N GLU B 117 22.15 -11.82 -0.05
CA GLU B 117 21.51 -11.16 -1.21
C GLU B 117 20.67 -12.13 -2.02
N THR B 118 20.65 -13.44 -1.72
CA THR B 118 19.72 -14.34 -2.46
C THR B 118 18.60 -14.82 -1.54
N VAL B 119 18.61 -14.42 -0.28
CA VAL B 119 17.41 -14.62 0.58
C VAL B 119 16.25 -13.87 -0.08
N GLN B 120 15.16 -14.54 -0.38
CA GLN B 120 14.14 -13.99 -1.30
C GLN B 120 12.76 -14.41 -0.82
N LEU B 121 11.84 -13.46 -0.60
CA LEU B 121 10.47 -13.76 -0.10
C LEU B 121 9.63 -14.28 -1.25
N ALA B 122 8.48 -14.86 -0.92
CA ALA B 122 7.52 -15.41 -1.91
C ALA B 122 7.15 -14.32 -2.91
N ASN B 123 7.10 -13.04 -2.49
CA ASN B 123 6.72 -11.96 -3.42
C ASN B 123 7.90 -11.54 -4.32
N GLY B 124 9.10 -12.14 -4.21
CA GLY B 124 10.24 -11.82 -5.10
C GLY B 124 11.21 -10.83 -4.48
N SER B 125 10.85 -10.21 -3.38
CA SER B 125 11.69 -9.17 -2.74
C SER B 125 12.92 -9.83 -2.12
N LEU B 126 14.02 -9.09 -2.05
CA LEU B 126 15.32 -9.50 -1.48
C LEU B 126 15.52 -8.73 -0.18
N PRO B 127 14.99 -9.20 0.96
CA PRO B 127 14.92 -8.36 2.16
C PRO B 127 16.25 -7.99 2.79
N LEU B 128 17.33 -8.70 2.49
CA LEU B 128 18.64 -8.39 3.12
C LEU B 128 19.47 -7.49 2.22
N LEU B 129 18.97 -7.18 1.01
CA LEU B 129 19.56 -6.15 0.09
C LEU B 129 18.86 -4.79 0.32
N THR B 130 17.53 -4.81 0.54
CA THR B 130 16.68 -3.60 0.68
C THR B 130 17.35 -2.57 1.59
N PRO B 131 17.81 -2.91 2.81
CA PRO B 131 18.34 -1.88 3.70
C PRO B 131 19.49 -1.15 3.02
N MET B 132 20.30 -1.83 2.19
CA MET B 132 21.46 -1.16 1.57
C MET B 132 21.00 -0.28 0.39
N SER B 133 19.91 -0.59 -0.31
CA SER B 133 19.33 0.32 -1.33
C SER B 133 18.75 1.56 -0.66
N GLU B 134 18.21 1.42 0.55
CA GLU B 134 17.65 2.59 1.33
C GLU B 134 18.78 3.54 1.69
N VAL B 135 19.84 3.04 2.31
CA VAL B 135 20.98 3.92 2.70
C VAL B 135 21.54 4.56 1.43
N ALA B 136 21.73 3.78 0.38
CA ALA B 136 22.37 4.25 -0.85
C ALA B 136 21.51 5.40 -1.40
N GLY B 137 20.17 5.20 -1.46
CA GLY B 137 19.25 6.25 -1.93
C GLY B 137 19.37 7.55 -1.12
N ARG B 138 19.32 7.44 0.20
CA ARG B 138 19.46 8.63 1.09
C ARG B 138 20.82 9.30 0.83
N MET B 139 21.89 8.54 0.58
CA MET B 139 23.27 9.11 0.41
C MET B 139 23.37 9.81 -0.93
N SER B 140 22.68 9.29 -1.94
CA SER B 140 22.91 9.71 -3.34
C SER B 140 22.74 11.24 -3.44
N VAL B 141 21.75 11.82 -2.74
CA VAL B 141 21.39 13.25 -2.96
C VAL B 141 22.25 14.10 -2.04
N GLN B 142 22.64 13.53 -0.91
CA GLN B 142 23.55 14.22 0.05
C GLN B 142 24.89 14.45 -0.67
N VAL B 143 25.41 13.39 -1.30
CA VAL B 143 26.70 13.43 -2.07
C VAL B 143 26.53 14.38 -3.27
N GLY B 144 25.38 14.30 -3.95
CA GLY B 144 25.14 15.15 -5.13
C GLY B 144 25.15 16.62 -4.75
N ALA B 145 24.50 16.95 -3.62
CA ALA B 145 24.47 18.35 -3.13
C ALA B 145 25.89 18.81 -2.81
N GLN B 146 26.69 17.93 -2.21
CA GLN B 146 28.09 18.24 -1.84
C GLN B 146 28.92 18.55 -3.09
N PHE B 147 28.70 17.78 -4.17
CA PHE B 147 29.47 17.98 -5.44
C PHE B 147 28.95 19.18 -6.24
N LEU B 148 27.78 19.70 -5.89
CA LEU B 148 27.21 20.93 -6.50
C LEU B 148 28.01 22.16 -6.04
N GLU B 149 28.64 22.08 -4.86
CA GLU B 149 29.49 23.17 -4.31
C GLU B 149 30.68 23.41 -5.25
N LYS B 150 31.09 24.67 -5.41
CA LYS B 150 32.18 25.08 -6.33
C LYS B 150 33.51 24.42 -5.93
N PRO B 151 33.81 24.34 -4.63
CA PRO B 151 35.06 23.76 -4.14
C PRO B 151 35.25 22.28 -4.52
N HIS B 152 34.15 21.53 -4.62
CA HIS B 152 34.17 20.09 -4.99
C HIS B 152 34.12 19.90 -6.51
N GLY B 153 34.13 21.01 -7.28
CA GLY B 153 34.13 20.94 -8.76
C GLY B 153 32.79 21.22 -9.41
N GLY B 154 31.73 21.45 -8.63
CA GLY B 154 30.41 21.75 -9.19
C GLY B 154 30.15 23.21 -9.55
N LYS B 155 28.97 23.49 -10.08
CA LYS B 155 28.59 24.85 -10.53
C LYS B 155 28.36 25.80 -9.34
N GLY B 156 28.15 25.32 -8.12
CA GLY B 156 28.11 26.20 -6.92
C GLY B 156 26.70 26.73 -6.61
N ILE B 157 25.75 25.82 -6.47
CA ILE B 157 24.35 26.14 -6.06
C ILE B 157 23.98 25.29 -4.83
N LEU B 158 23.03 25.82 -4.06
CA LEU B 158 22.21 25.04 -3.10
C LEU B 158 21.03 24.49 -3.88
N LEU B 159 20.68 23.25 -3.61
CA LEU B 159 19.50 22.61 -4.25
C LEU B 159 18.21 23.36 -3.86
N GLY B 160 18.16 23.91 -2.64
CA GLY B 160 16.97 24.59 -2.10
C GLY B 160 16.95 26.09 -2.38
N GLY B 161 17.99 26.59 -3.05
CA GLY B 161 18.22 28.05 -3.21
C GLY B 161 18.10 28.76 -1.88
N VAL B 162 17.55 29.96 -1.89
CA VAL B 162 17.18 30.80 -0.72
C VAL B 162 16.08 31.72 -1.21
N PRO B 163 15.40 32.46 -0.30
CA PRO B 163 14.29 33.33 -0.72
C PRO B 163 14.72 34.28 -1.85
N GLY B 164 13.89 34.32 -2.89
CA GLY B 164 14.16 35.14 -4.06
C GLY B 164 15.04 34.45 -5.11
N VAL B 165 15.53 33.23 -4.85
CA VAL B 165 16.51 32.54 -5.74
C VAL B 165 15.96 31.15 -6.10
N ARG B 166 16.01 30.81 -7.39
CA ARG B 166 15.45 29.52 -7.89
C ARG B 166 16.19 28.33 -7.27
N ARG B 167 15.49 27.20 -7.21
CA ARG B 167 15.94 25.94 -6.60
C ARG B 167 16.72 25.17 -7.66
N GLY B 168 17.50 24.20 -7.25
CA GLY B 168 18.15 23.25 -8.15
C GLY B 168 17.16 22.23 -8.64
N LYS B 169 17.45 21.60 -9.79
CA LYS B 169 16.58 20.55 -10.37
C LYS B 169 17.25 19.20 -10.20
N VAL B 170 16.50 18.25 -9.64
CA VAL B 170 16.96 16.87 -9.41
C VAL B 170 16.03 15.97 -10.22
N THR B 171 16.64 15.12 -11.05
CA THR B 171 15.97 14.03 -11.77
C THR B 171 16.42 12.73 -11.14
N ILE B 172 15.47 11.94 -10.68
CA ILE B 172 15.75 10.58 -10.18
C ILE B 172 15.17 9.60 -11.18
N ILE B 173 16.04 8.75 -11.74
CA ILE B 173 15.63 7.73 -12.75
C ILE B 173 15.52 6.40 -12.01
N GLY B 174 14.29 5.95 -11.83
CA GLY B 174 14.01 4.76 -11.00
C GLY B 174 13.27 5.14 -9.73
N GLY B 175 12.04 4.62 -9.54
CA GLY B 175 11.16 4.93 -8.39
C GLY B 175 10.98 3.75 -7.45
N GLY B 176 11.95 2.83 -7.41
CA GLY B 176 12.00 1.72 -6.44
C GLY B 176 12.53 2.21 -5.11
N THR B 177 13.13 1.32 -4.34
CA THR B 177 13.56 1.61 -2.96
C THR B 177 14.59 2.74 -3.01
N ALA B 178 15.59 2.62 -3.85
CA ALA B 178 16.71 3.56 -3.79
C ALA B 178 16.21 4.93 -4.21
N GLY B 179 15.45 4.99 -5.30
CA GLY B 179 14.96 6.24 -5.90
C GLY B 179 13.97 6.96 -4.98
N THR B 180 13.07 6.21 -4.36
CA THR B 180 12.07 6.76 -3.43
C THR B 180 12.83 7.42 -2.29
N ASN B 181 13.81 6.72 -1.75
CA ASN B 181 14.63 7.23 -0.64
C ASN B 181 15.46 8.44 -1.09
N ALA B 182 15.95 8.45 -2.33
CA ALA B 182 16.66 9.63 -2.88
C ALA B 182 15.68 10.82 -2.98
N ALA B 183 14.45 10.60 -3.43
CA ALA B 183 13.46 11.67 -3.64
C ALA B 183 13.13 12.33 -2.28
N LYS B 184 12.99 11.55 -1.21
CA LYS B 184 12.76 12.07 0.16
C LYS B 184 13.84 13.12 0.46
N ILE B 185 15.11 12.77 0.21
CA ILE B 185 16.22 13.67 0.60
C ILE B 185 16.19 14.88 -0.35
N ALA B 186 15.90 14.70 -1.64
CA ALA B 186 15.90 15.84 -2.61
C ALA B 186 14.76 16.82 -2.27
N VAL B 187 13.58 16.31 -1.89
CA VAL B 187 12.43 17.14 -1.43
C VAL B 187 12.89 17.90 -0.19
N GLY B 188 13.50 17.21 0.77
CA GLY B 188 13.98 17.81 2.03
C GLY B 188 15.02 18.91 1.84
N LEU B 189 15.88 18.79 0.84
CA LEU B 189 16.88 19.85 0.63
C LEU B 189 16.26 21.03 -0.13
N GLY B 190 15.01 20.91 -0.56
CA GLY B 190 14.29 21.99 -1.26
C GLY B 190 14.45 21.96 -2.78
N ALA B 191 14.81 20.85 -3.40
CA ALA B 191 14.92 20.81 -4.90
C ALA B 191 13.54 20.76 -5.54
N ASP B 192 13.44 21.15 -6.82
CA ASP B 192 12.40 20.72 -7.76
C ASP B 192 12.79 19.31 -8.21
N VAL B 193 11.94 18.33 -7.94
CA VAL B 193 12.26 16.89 -8.03
C VAL B 193 11.35 16.27 -9.08
N THR B 194 11.92 15.61 -10.08
CA THR B 194 11.17 14.74 -11.03
C THR B 194 11.62 13.30 -10.79
N ILE B 195 10.69 12.37 -10.65
CA ILE B 195 10.98 10.92 -10.52
C ILE B 195 10.43 10.22 -11.76
N LEU B 196 11.29 9.52 -12.51
CA LEU B 196 10.84 8.69 -13.67
C LEU B 196 10.80 7.24 -13.26
N ASP B 197 9.75 6.56 -13.71
CA ASP B 197 9.67 5.09 -13.64
C ASP B 197 8.94 4.60 -14.88
N ILE B 198 9.18 3.34 -15.28
CA ILE B 198 8.47 2.74 -16.45
C ILE B 198 7.12 2.20 -15.98
N ASN B 199 6.93 2.04 -14.68
CA ASN B 199 5.74 1.31 -14.20
C ASN B 199 4.70 2.33 -13.72
N ALA B 200 3.56 2.38 -14.40
CA ALA B 200 2.47 3.35 -14.15
C ALA B 200 1.98 3.21 -12.71
N GLU B 201 1.91 2.00 -12.19
CA GLU B 201 1.34 1.73 -10.85
C GLU B 201 2.33 2.30 -9.83
N ARG B 202 3.63 2.20 -10.09
CA ARG B 202 4.61 2.74 -9.13
C ARG B 202 4.51 4.26 -9.19
N LEU B 203 4.26 4.86 -10.36
CA LEU B 203 4.12 6.33 -10.40
C LEU B 203 2.87 6.75 -9.57
N ARG B 204 1.78 6.00 -9.60
CA ARG B 204 0.56 6.31 -8.83
C ARG B 204 0.85 6.22 -7.33
N GLU B 205 1.61 5.22 -6.92
CA GLU B 205 2.02 5.02 -5.51
C GLU B 205 2.90 6.19 -5.11
N LEU B 206 3.80 6.63 -5.99
CA LEU B 206 4.72 7.75 -5.67
C LEU B 206 3.91 9.03 -5.54
N ASP B 207 2.88 9.17 -6.37
CA ASP B 207 1.97 10.33 -6.34
C ASP B 207 1.24 10.31 -4.97
N ASP B 208 0.79 9.14 -4.50
CA ASP B 208 0.17 9.00 -3.17
C ASP B 208 1.18 9.33 -2.07
N LEU B 209 2.44 8.89 -2.19
CA LEU B 209 3.46 9.12 -1.13
C LEU B 209 3.89 10.59 -1.09
N PHE B 210 4.07 11.25 -2.22
CA PHE B 210 4.72 12.59 -2.28
C PHE B 210 3.73 13.69 -2.62
N GLY B 211 2.63 13.36 -3.29
CA GLY B 211 1.73 14.35 -3.88
C GLY B 211 2.49 15.45 -4.61
N ASP B 212 2.21 16.69 -4.25
CA ASP B 212 2.71 17.92 -4.93
C ASP B 212 4.21 18.13 -4.67
N GLN B 213 4.84 17.37 -3.78
CA GLN B 213 6.25 17.55 -3.42
C GLN B 213 7.19 17.20 -4.61
N VAL B 214 6.69 16.40 -5.55
CA VAL B 214 7.47 15.94 -6.74
C VAL B 214 6.56 15.91 -7.96
N THR B 215 7.21 15.73 -9.09
CA THR B 215 6.52 15.41 -10.34
C THR B 215 6.92 13.98 -10.70
N THR B 216 5.93 13.12 -10.86
CA THR B 216 6.13 11.73 -11.34
C THR B 216 6.03 11.76 -12.87
N LEU B 217 6.89 11.04 -13.57
CA LEU B 217 6.97 11.12 -15.07
C LEU B 217 7.29 9.74 -15.68
N MET B 218 6.49 9.31 -16.63
CA MET B 218 6.68 8.02 -17.34
C MET B 218 8.07 8.03 -17.98
N SER B 219 8.83 6.97 -17.75
CA SER B 219 10.19 6.79 -18.30
C SER B 219 10.11 6.42 -19.78
N ASN B 220 10.73 7.21 -20.64
CA ASN B 220 11.11 6.81 -22.03
C ASN B 220 12.30 7.68 -22.41
N SER B 221 12.90 7.50 -23.59
CA SER B 221 14.23 8.10 -23.90
C SER B 221 14.05 9.60 -24.04
N TYR B 222 12.95 10.00 -24.65
CA TYR B 222 12.62 11.44 -24.85
C TYR B 222 12.51 12.17 -23.50
N HIS B 223 11.75 11.63 -22.56
CA HIS B 223 11.51 12.29 -21.24
C HIS B 223 12.82 12.30 -20.46
N ILE B 224 13.62 11.22 -20.56
CA ILE B 224 14.93 11.15 -19.88
C ILE B 224 15.82 12.25 -20.43
N ALA B 225 15.88 12.41 -21.76
CA ALA B 225 16.71 13.45 -22.42
C ALA B 225 16.27 14.83 -21.91
N GLU B 226 14.97 15.08 -21.94
CA GLU B 226 14.36 16.37 -21.49
C GLU B 226 14.76 16.66 -20.03
N CYS B 227 14.61 15.70 -19.11
CA CYS B 227 14.96 15.93 -17.68
C CYS B 227 16.48 16.10 -17.51
N VAL B 228 17.26 15.27 -18.19
CA VAL B 228 18.75 15.30 -17.99
C VAL B 228 19.25 16.68 -18.44
N ARG B 229 18.78 17.16 -19.61
CA ARG B 229 19.26 18.45 -20.17
C ARG B 229 19.09 19.59 -19.15
N GLU B 230 18.00 19.65 -18.42
CA GLU B 230 17.79 20.78 -17.46
C GLU B 230 18.18 20.40 -16.03
N SER B 231 18.79 19.25 -15.78
CA SER B 231 19.09 18.82 -14.40
C SER B 231 20.40 19.44 -13.88
N ASP B 232 20.42 19.82 -12.60
CA ASP B 232 21.64 20.12 -11.82
C ASP B 232 22.18 18.79 -11.24
N LEU B 233 21.30 17.87 -10.90
CA LEU B 233 21.74 16.57 -10.34
C LEU B 233 20.88 15.50 -10.98
N VAL B 234 21.49 14.42 -11.42
CA VAL B 234 20.74 13.23 -11.89
C VAL B 234 21.15 12.08 -11.00
N VAL B 235 20.17 11.35 -10.49
CA VAL B 235 20.43 10.14 -9.68
C VAL B 235 19.96 8.93 -10.49
N GLY B 236 20.88 7.99 -10.73
CA GLY B 236 20.55 6.68 -11.34
C GLY B 236 20.15 5.73 -10.27
N ALA B 237 18.92 5.24 -10.30
CA ALA B 237 18.40 4.35 -9.25
C ALA B 237 17.61 3.20 -9.90
N VAL B 238 18.08 2.63 -11.00
CA VAL B 238 17.42 1.47 -11.68
C VAL B 238 18.23 0.20 -11.36
N LEU B 239 17.51 -0.92 -11.15
CA LEU B 239 18.01 -2.32 -10.98
C LEU B 239 17.92 -3.04 -12.34
N LYS B 244 22.25 -6.38 -14.60
CA LYS B 244 22.99 -5.39 -15.45
C LYS B 244 22.00 -4.29 -15.87
N ALA B 245 22.15 -3.06 -15.35
CA ALA B 245 21.19 -1.95 -15.59
C ALA B 245 21.34 -1.46 -17.03
N PRO B 246 20.22 -1.10 -17.71
CA PRO B 246 20.30 -0.60 -19.10
C PRO B 246 20.99 0.78 -19.15
N LYS B 247 21.59 1.19 -20.28
CA LYS B 247 22.23 2.52 -20.42
C LYS B 247 21.19 3.58 -20.80
N LEU B 248 20.40 4.05 -19.85
CA LEU B 248 19.28 4.98 -20.12
C LEU B 248 19.79 6.38 -20.41
N VAL B 249 20.96 6.73 -19.92
CA VAL B 249 21.45 8.12 -20.08
C VAL B 249 22.65 8.05 -21.01
N THR B 250 22.52 8.65 -22.20
CA THR B 250 23.54 8.54 -23.27
C THR B 250 24.56 9.67 -23.12
N GLU B 251 25.70 9.49 -23.79
CA GLU B 251 26.72 10.53 -23.96
C GLU B 251 26.06 11.79 -24.52
N GLU B 252 25.17 11.66 -25.48
CA GLU B 252 24.56 12.88 -26.05
C GLU B 252 23.82 13.63 -24.92
N MET B 253 23.09 12.91 -24.05
CA MET B 253 22.33 13.54 -22.93
C MET B 253 23.33 14.19 -21.97
N VAL B 254 24.42 13.52 -21.62
CA VAL B 254 25.36 14.13 -20.63
C VAL B 254 25.88 15.42 -21.26
N ARG B 255 26.19 15.38 -22.55
CA ARG B 255 26.81 16.52 -23.26
C ARG B 255 25.81 17.68 -23.32
N SER B 256 24.50 17.42 -23.29
CA SER B 256 23.44 18.49 -23.27
C SER B 256 23.40 19.25 -21.92
N MET B 257 24.00 18.73 -20.85
CA MET B 257 23.86 19.30 -19.48
C MET B 257 24.72 20.55 -19.35
N THR B 258 24.39 21.43 -18.42
CA THR B 258 25.24 22.61 -18.12
C THR B 258 26.46 22.13 -17.34
N PRO B 259 27.59 22.84 -17.46
CA PRO B 259 28.78 22.47 -16.73
C PRO B 259 28.62 22.62 -15.21
N GLY B 260 29.25 21.71 -14.47
CA GLY B 260 29.17 21.72 -13.00
C GLY B 260 27.88 21.09 -12.50
N SER B 261 27.07 20.53 -13.39
CA SER B 261 26.04 19.53 -13.06
C SER B 261 26.69 18.23 -12.54
N VAL B 262 25.88 17.38 -11.89
CA VAL B 262 26.41 16.21 -11.15
C VAL B 262 25.55 14.99 -11.49
N LEU B 263 26.21 13.85 -11.65
CA LEU B 263 25.60 12.51 -11.87
C LEU B 263 26.04 11.60 -10.74
N VAL B 264 25.11 10.83 -10.21
CA VAL B 264 25.37 9.88 -9.09
C VAL B 264 24.60 8.65 -9.48
N ASP B 265 25.21 7.48 -9.38
CA ASP B 265 24.51 6.21 -9.67
C ASP B 265 24.55 5.35 -8.44
N VAL B 266 23.38 4.94 -7.99
CA VAL B 266 23.26 3.93 -6.91
C VAL B 266 23.79 2.57 -7.43
N ALA B 267 23.71 2.30 -8.74
CA ALA B 267 23.90 0.96 -9.35
C ALA B 267 25.28 0.83 -9.99
N ILE B 268 26.30 1.57 -9.53
CA ILE B 268 27.53 1.78 -10.35
C ILE B 268 28.41 0.51 -10.26
N ASP B 269 28.36 -0.25 -9.17
CA ASP B 269 29.08 -1.55 -9.08
C ASP B 269 28.31 -2.64 -9.85
N GLN B 270 27.17 -2.35 -10.50
CA GLN B 270 26.48 -3.20 -11.51
C GLN B 270 26.43 -2.52 -12.88
N GLY B 271 27.36 -1.61 -13.17
CA GLY B 271 27.47 -0.89 -14.45
C GLY B 271 26.83 0.50 -14.37
N GLY B 272 25.59 0.58 -13.91
CA GLY B 272 24.84 1.85 -13.80
C GLY B 272 24.21 2.22 -15.12
N ILE B 273 23.48 3.33 -15.16
CA ILE B 273 22.59 3.69 -16.30
C ILE B 273 23.27 4.70 -17.20
N PHE B 274 24.41 5.28 -16.81
CA PHE B 274 25.12 6.35 -17.58
C PHE B 274 26.23 5.78 -18.49
N GLU B 275 26.12 6.04 -19.78
CA GLU B 275 27.08 5.61 -20.82
C GLU B 275 28.46 6.11 -20.41
N THR B 276 28.54 7.28 -19.79
CA THR B 276 29.80 8.04 -19.58
C THR B 276 30.52 7.55 -18.30
N THR B 277 29.98 6.57 -17.56
CA THR B 277 30.68 6.05 -16.35
C THR B 277 31.58 4.89 -16.78
N ASP B 278 32.83 5.19 -17.10
CA ASP B 278 33.85 4.23 -17.60
C ASP B 278 34.51 3.49 -16.42
N ARG B 279 34.37 3.95 -15.17
CA ARG B 279 35.03 3.29 -14.02
C ARG B 279 34.46 3.71 -12.66
N VAL B 280 34.76 2.86 -11.66
CA VAL B 280 34.47 2.99 -10.21
C VAL B 280 35.61 3.78 -9.56
N THR B 281 35.28 4.80 -8.78
CA THR B 281 36.21 5.61 -7.95
C THR B 281 36.10 5.15 -6.48
N THR B 282 36.92 5.70 -5.59
CA THR B 282 36.80 5.46 -4.12
C THR B 282 36.71 6.81 -3.37
N HIS B 283 36.26 6.78 -2.11
CA HIS B 283 36.08 7.98 -1.23
C HIS B 283 37.35 8.86 -1.27
N ASP B 284 38.54 8.28 -1.38
CA ASP B 284 39.84 9.01 -1.55
C ASP B 284 39.77 10.01 -2.70
N ASP B 285 39.35 9.57 -3.89
CA ASP B 285 39.41 10.35 -5.15
C ASP B 285 38.07 10.20 -5.89
N PRO B 286 37.00 10.84 -5.43
CA PRO B 286 35.65 10.33 -5.70
C PRO B 286 35.05 10.67 -7.07
N THR B 287 35.53 11.68 -7.78
CA THR B 287 34.86 12.08 -9.04
C THR B 287 35.85 12.25 -10.20
N TYR B 288 35.32 12.20 -11.41
CA TYR B 288 36.01 12.71 -12.61
C TYR B 288 34.99 13.56 -13.38
N VAL B 289 35.46 14.43 -14.26
CA VAL B 289 34.62 15.30 -15.12
C VAL B 289 34.66 14.75 -16.55
N LYS B 290 33.52 14.68 -17.21
CA LYS B 290 33.39 14.44 -18.66
C LYS B 290 32.37 15.44 -19.20
N HIS B 291 32.75 16.17 -20.24
CA HIS B 291 31.91 17.23 -20.86
C HIS B 291 31.50 18.26 -19.80
N GLY B 292 32.41 18.59 -18.87
CA GLY B 292 32.22 19.58 -17.80
C GLY B 292 31.25 19.12 -16.71
N VAL B 293 30.76 17.89 -16.77
CA VAL B 293 29.80 17.32 -15.80
C VAL B 293 30.56 16.45 -14.79
N VAL B 294 30.27 16.65 -13.49
CA VAL B 294 30.90 15.85 -12.39
C VAL B 294 30.25 14.46 -12.35
N HIS B 295 31.07 13.40 -12.45
CA HIS B 295 30.66 11.98 -12.32
C HIS B 295 31.15 11.50 -10.96
N TYR B 296 30.23 11.36 -10.01
CA TYR B 296 30.54 10.75 -8.69
C TYR B 296 30.50 9.27 -8.99
N ALA B 297 31.58 8.55 -8.79
CA ALA B 297 31.60 7.13 -9.22
C ALA B 297 32.00 6.23 -8.06
N VAL B 298 31.79 6.67 -6.83
CA VAL B 298 32.16 5.83 -5.66
C VAL B 298 31.12 4.72 -5.58
N ALA B 299 31.55 3.47 -5.51
CA ALA B 299 30.62 2.36 -5.23
C ALA B 299 30.40 2.30 -3.71
N ASN B 300 29.36 1.60 -3.31
CA ASN B 300 29.13 1.33 -1.88
C ASN B 300 29.09 2.64 -1.08
N MET B 301 28.19 3.54 -1.48
CA MET B 301 27.85 4.75 -0.69
C MET B 301 27.47 4.39 0.75
N PRO B 302 26.77 3.26 1.04
CA PRO B 302 26.46 2.88 2.42
C PRO B 302 27.70 2.74 3.29
N GLY B 303 28.85 2.49 2.67
CA GLY B 303 30.11 2.30 3.41
C GLY B 303 30.59 3.61 4.00
N ALA B 304 30.15 4.74 3.46
CA ALA B 304 30.47 6.07 4.03
C ALA B 304 29.70 6.34 5.34
N VAL B 305 28.63 5.57 5.63
CA VAL B 305 27.83 5.72 6.88
C VAL B 305 27.73 4.38 7.56
N PRO B 306 28.87 3.83 8.00
CA PRO B 306 28.92 2.44 8.42
C PRO B 306 28.04 2.15 9.63
N ARG B 307 27.93 3.12 10.54
CA ARG B 307 27.08 2.91 11.74
C ARG B 307 25.60 2.79 11.33
N THR B 308 25.10 3.70 10.52
CA THR B 308 23.69 3.62 10.05
C THR B 308 23.49 2.30 9.28
N SER B 309 24.42 1.99 8.38
CA SER B 309 24.37 0.78 7.50
C SER B 309 24.44 -0.49 8.35
N THR B 310 25.27 -0.53 9.38
CA THR B 310 25.38 -1.70 10.27
C THR B 310 24.03 -1.93 10.97
N PHE B 311 23.41 -0.86 11.51
CA PHE B 311 22.07 -1.00 12.13
C PHE B 311 21.10 -1.45 11.06
N ALA B 312 21.09 -0.84 9.88
CA ALA B 312 20.08 -1.19 8.85
C ALA B 312 20.22 -2.68 8.46
N LEU B 313 21.45 -3.17 8.27
CA LEU B 313 21.65 -4.56 7.80
C LEU B 313 21.30 -5.52 8.93
N THR B 314 21.91 -5.33 10.09
CA THR B 314 21.82 -6.30 11.21
C THR B 314 20.38 -6.34 11.74
N ASN B 315 19.59 -5.26 11.56
CA ASN B 315 18.15 -5.29 11.91
C ASN B 315 17.46 -6.48 11.24
N VAL B 316 17.83 -6.80 10.00
CA VAL B 316 17.12 -7.88 9.26
C VAL B 316 17.97 -9.16 9.14
N THR B 317 19.29 -9.11 9.24
CA THR B 317 20.09 -10.37 9.12
C THR B 317 19.97 -11.20 10.41
N ILE B 318 20.00 -10.57 11.59
CA ILE B 318 20.12 -11.32 12.87
C ILE B 318 18.92 -12.20 13.07
N PRO B 319 17.67 -11.81 12.76
CA PRO B 319 16.56 -12.75 12.93
C PRO B 319 16.76 -14.05 12.13
N TYR B 320 17.36 -13.96 10.93
CA TYR B 320 17.59 -15.18 10.12
C TYR B 320 18.65 -16.02 10.84
N ALA B 321 19.73 -15.37 11.28
CA ALA B 321 20.85 -16.01 11.96
C ALA B 321 20.31 -16.76 13.20
N LEU B 322 19.37 -16.14 13.91
CA LEU B 322 18.71 -16.73 15.10
C LEU B 322 17.99 -18.01 14.70
N GLN B 323 17.25 -18.04 13.60
CA GLN B 323 16.62 -19.31 13.12
C GLN B 323 17.70 -20.41 12.92
N ILE B 324 18.84 -20.08 12.30
CA ILE B 324 19.92 -21.07 11.98
C ILE B 324 20.50 -21.60 13.29
N ALA B 325 20.73 -20.72 14.26
CA ALA B 325 21.27 -21.07 15.60
C ALA B 325 20.30 -21.96 16.38
N ASN B 326 19.02 -21.60 16.43
CA ASN B 326 18.01 -22.34 17.24
C ASN B 326 17.82 -23.76 16.67
N LYS B 327 17.68 -23.88 15.36
CA LYS B 327 17.12 -25.07 14.69
C LYS B 327 18.20 -25.87 13.95
N GLY B 328 19.38 -25.29 13.72
CA GLY B 328 20.38 -25.76 12.73
C GLY B 328 20.01 -25.27 11.35
N TYR B 329 20.99 -25.11 10.45
CA TYR B 329 20.82 -24.54 9.08
C TYR B 329 19.73 -25.33 8.34
N ARG B 330 19.69 -26.63 8.58
CA ARG B 330 18.87 -27.58 7.77
C ARG B 330 17.37 -27.39 8.05
N ALA B 331 16.95 -27.50 9.31
CA ALA B 331 15.53 -27.31 9.70
C ALA B 331 15.14 -25.84 9.44
N ALA B 332 16.03 -24.90 9.73
CA ALA B 332 15.78 -23.45 9.55
C ALA B 332 15.41 -23.18 8.08
N CYS B 333 16.17 -23.76 7.14
CA CYS B 333 15.95 -23.52 5.69
C CYS B 333 14.72 -24.31 5.21
N LEU B 334 14.46 -25.49 5.77
CA LEU B 334 13.26 -26.30 5.41
C LEU B 334 12.03 -25.61 5.99
N ASP B 335 12.15 -24.90 7.11
CA ASP B 335 11.02 -24.17 7.72
C ASP B 335 10.84 -22.79 7.07
N ASN B 336 11.87 -22.26 6.38
CA ASN B 336 11.85 -20.85 5.90
C ASN B 336 12.28 -20.82 4.44
N PRO B 337 11.30 -20.91 3.51
CA PRO B 337 11.63 -20.98 2.08
C PRO B 337 12.44 -19.76 1.60
N ALA B 338 12.37 -18.62 2.29
CA ALA B 338 13.11 -17.40 1.89
C ALA B 338 14.59 -17.60 2.24
N LEU B 339 14.85 -18.15 3.42
CA LEU B 339 16.22 -18.45 3.90
C LEU B 339 16.81 -19.56 3.02
N LEU B 340 16.01 -20.51 2.58
CA LEU B 340 16.50 -21.63 1.74
C LEU B 340 17.10 -21.05 0.46
N LYS B 341 16.51 -20.01 -0.11
CA LYS B 341 17.06 -19.41 -1.36
C LYS B 341 18.40 -18.74 -1.09
N GLY B 342 18.72 -18.52 0.18
CA GLY B 342 20.04 -18.00 0.60
C GLY B 342 21.15 -19.02 0.40
N ILE B 343 20.85 -20.31 0.41
CA ILE B 343 21.90 -21.36 0.34
C ILE B 343 22.46 -21.33 -1.08
N ASN B 344 23.75 -21.00 -1.22
CA ASN B 344 24.48 -21.03 -2.51
C ASN B 344 25.36 -22.28 -2.60
N THR B 345 26.09 -22.63 -1.55
CA THR B 345 26.97 -23.82 -1.52
C THR B 345 26.59 -24.67 -0.32
N LEU B 346 26.64 -25.99 -0.48
CA LEU B 346 26.23 -26.96 0.54
C LEU B 346 26.96 -28.29 0.25
N ASP B 347 27.74 -28.77 1.21
CA ASP B 347 28.33 -30.14 1.24
C ASP B 347 29.08 -30.41 -0.08
N GLY B 348 29.75 -29.39 -0.62
CA GLY B 348 30.58 -29.47 -1.83
C GLY B 348 29.78 -29.32 -3.10
N HIS B 349 28.55 -28.81 -3.04
CA HIS B 349 27.74 -28.53 -4.27
C HIS B 349 27.35 -27.04 -4.34
N ILE B 350 27.18 -26.54 -5.56
CA ILE B 350 26.54 -25.25 -5.86
C ILE B 350 25.06 -25.53 -6.05
N VAL B 351 24.21 -24.92 -5.22
CA VAL B 351 22.76 -25.23 -5.24
C VAL B 351 22.00 -24.02 -5.73
N TYR B 352 22.71 -22.94 -6.08
CA TYR B 352 22.08 -21.73 -6.67
C TYR B 352 22.40 -21.72 -8.15
N GLU B 353 21.35 -21.89 -8.96
CA GLU B 353 21.43 -22.08 -10.43
C GLU B 353 22.34 -21.01 -11.05
N ALA B 354 22.03 -19.73 -10.84
CA ALA B 354 22.76 -18.62 -11.50
C ALA B 354 24.26 -18.66 -11.16
N VAL B 355 24.68 -19.24 -10.04
CA VAL B 355 26.12 -19.28 -9.69
C VAL B 355 26.81 -20.41 -10.48
N ALA B 356 26.20 -21.60 -10.48
CA ALA B 356 26.59 -22.74 -11.35
C ALA B 356 26.69 -22.26 -12.79
N ALA B 357 25.67 -21.58 -13.32
CA ALA B 357 25.66 -21.14 -14.75
C ALA B 357 26.79 -20.11 -14.97
N ALA B 358 27.00 -19.12 -14.08
CA ALA B 358 28.05 -18.08 -14.23
C ALA B 358 29.46 -18.70 -14.42
N HIS B 359 29.79 -19.78 -13.71
CA HIS B 359 31.14 -20.43 -13.75
C HIS B 359 31.17 -21.74 -14.57
N ASN B 360 30.09 -22.08 -15.30
CA ASN B 360 29.92 -23.39 -15.99
C ASN B 360 30.31 -24.53 -15.05
N MET B 361 29.83 -24.53 -13.82
CA MET B 361 30.12 -25.59 -12.83
C MET B 361 28.85 -26.38 -12.56
N PRO B 362 28.97 -27.60 -12.01
CA PRO B 362 27.81 -28.44 -11.76
C PRO B 362 26.82 -27.75 -10.79
N TYR B 363 25.54 -27.95 -11.09
CA TYR B 363 24.39 -27.50 -10.28
C TYR B 363 23.83 -28.71 -9.56
N THR B 364 23.39 -28.54 -8.31
CA THR B 364 22.69 -29.56 -7.53
C THR B 364 21.40 -28.99 -6.93
N ASP B 365 20.34 -29.79 -6.94
CA ASP B 365 19.02 -29.41 -6.36
C ASP B 365 19.15 -29.30 -4.84
N VAL B 366 18.83 -28.15 -4.26
CA VAL B 366 19.07 -27.91 -2.81
C VAL B 366 18.21 -28.88 -1.99
N HIS B 367 16.94 -29.06 -2.35
CA HIS B 367 15.99 -29.92 -1.57
C HIS B 367 16.51 -31.36 -1.48
N SER B 368 17.07 -31.85 -2.59
CA SER B 368 17.63 -33.23 -2.69
C SER B 368 18.77 -33.39 -1.68
N LEU B 369 19.55 -32.35 -1.38
CA LEU B 369 20.67 -32.47 -0.39
C LEU B 369 20.13 -32.38 1.03
N LEU B 370 19.13 -31.53 1.28
CA LEU B 370 18.56 -31.30 2.64
C LEU B 370 17.66 -32.48 3.05
N GLN B 371 16.94 -33.09 2.08
CA GLN B 371 16.00 -34.22 2.28
C GLN B 371 14.83 -33.79 3.20
N MET C 1 -36.31 -11.50 6.57
CA MET C 1 -36.12 -12.09 7.88
C MET C 1 -36.56 -11.06 8.94
N LYS C 2 -37.06 -11.58 10.08
CA LYS C 2 -37.29 -10.86 11.35
C LYS C 2 -35.95 -10.76 12.09
N ILE C 3 -35.51 -9.52 12.37
CA ILE C 3 -34.16 -9.23 12.95
C ILE C 3 -34.34 -8.51 14.29
N GLY C 4 -33.73 -9.02 15.36
CA GLY C 4 -33.93 -8.50 16.71
C GLY C 4 -32.67 -7.88 17.29
N ILE C 5 -32.79 -6.70 17.93
CA ILE C 5 -31.64 -6.03 18.62
C ILE C 5 -32.06 -5.68 20.06
N PRO C 6 -31.70 -6.54 21.05
CA PRO C 6 -31.89 -6.21 22.46
C PRO C 6 -30.74 -5.34 22.99
N LYS C 7 -31.07 -4.51 23.98
CA LYS C 7 -30.11 -3.71 24.78
C LYS C 7 -29.06 -4.64 25.39
N GLU C 8 -27.85 -4.14 25.55
CA GLU C 8 -26.74 -4.85 26.22
C GLU C 8 -26.98 -4.76 27.74
N ILE C 9 -26.98 -5.88 28.43
CA ILE C 9 -27.26 -5.93 29.90
C ILE C 9 -25.93 -5.95 30.70
N LYS C 10 -24.83 -6.49 30.14
CA LYS C 10 -23.48 -6.56 30.78
C LYS C 10 -23.13 -5.15 31.29
N ASN C 11 -22.57 -5.06 32.50
CA ASN C 11 -22.54 -3.83 33.33
C ASN C 11 -21.69 -2.73 32.65
N ASN C 12 -22.28 -1.53 32.48
CA ASN C 12 -21.66 -0.32 31.86
C ASN C 12 -21.24 -0.61 30.41
N GLU C 13 -21.97 -1.50 29.73
CA GLU C 13 -21.83 -1.71 28.28
C GLU C 13 -22.83 -0.77 27.59
N ASN C 14 -22.29 0.26 26.93
CA ASN C 14 -23.05 1.37 26.33
C ASN C 14 -23.14 1.21 24.82
N ARG C 15 -22.45 0.22 24.25
CA ARG C 15 -22.54 -0.11 22.81
C ARG C 15 -23.86 -0.85 22.53
N VAL C 16 -24.32 -0.75 21.28
CA VAL C 16 -25.52 -1.45 20.71
C VAL C 16 -25.09 -2.07 19.36
N ALA C 17 -25.84 -3.06 18.86
CA ALA C 17 -25.47 -3.86 17.67
C ALA C 17 -26.06 -3.27 16.38
N ILE C 18 -26.81 -2.17 16.42
CA ILE C 18 -27.26 -1.49 15.17
C ILE C 18 -27.44 0.00 15.43
N THR C 19 -27.35 0.80 14.37
CA THR C 19 -27.64 2.27 14.35
C THR C 19 -28.91 2.52 13.54
N PRO C 20 -29.52 3.73 13.59
CA PRO C 20 -30.57 4.10 12.64
C PRO C 20 -30.20 3.81 11.17
N ALA C 21 -28.93 3.96 10.79
CA ALA C 21 -28.37 3.73 9.45
C ALA C 21 -28.53 2.26 9.03
N GLY C 22 -28.13 1.33 9.92
CA GLY C 22 -28.17 -0.13 9.73
C GLY C 22 -29.58 -0.68 9.78
N VAL C 23 -30.40 -0.12 10.67
CA VAL C 23 -31.89 -0.26 10.63
C VAL C 23 -32.40 0.06 9.21
N MET C 24 -32.15 1.25 8.70
CA MET C 24 -32.65 1.68 7.37
C MET C 24 -32.17 0.72 6.26
N THR C 25 -30.93 0.21 6.31
CA THR C 25 -30.36 -0.76 5.32
C THR C 25 -31.22 -2.04 5.34
N LEU C 26 -31.46 -2.63 6.52
CA LEU C 26 -32.19 -3.93 6.64
C LEU C 26 -33.68 -3.71 6.31
N VAL C 27 -34.30 -2.64 6.78
CA VAL C 27 -35.71 -2.29 6.47
C VAL C 27 -35.89 -2.16 4.94
N LYS C 28 -34.99 -1.45 4.25
CA LYS C 28 -35.14 -1.13 2.80
C LYS C 28 -34.93 -2.38 1.95
N ALA C 29 -34.20 -3.38 2.44
CA ALA C 29 -33.98 -4.68 1.75
C ALA C 29 -35.10 -5.70 2.11
N GLY C 30 -36.11 -5.27 2.87
CA GLY C 30 -37.38 -5.98 3.08
C GLY C 30 -37.48 -6.71 4.43
N HIS C 31 -36.58 -6.47 5.39
CA HIS C 31 -36.55 -7.20 6.69
C HIS C 31 -37.34 -6.43 7.76
N ASP C 32 -37.88 -7.17 8.75
CA ASP C 32 -38.50 -6.56 9.95
C ASP C 32 -37.43 -6.40 11.03
N VAL C 33 -37.29 -5.17 11.55
CA VAL C 33 -36.26 -4.81 12.57
C VAL C 33 -37.00 -4.37 13.85
N TYR C 34 -36.72 -5.10 14.94
CA TYR C 34 -37.22 -4.85 16.31
C TYR C 34 -36.04 -4.43 17.21
N VAL C 35 -36.12 -3.21 17.78
CA VAL C 35 -35.14 -2.68 18.79
C VAL C 35 -35.80 -2.53 20.16
N GLU C 36 -35.32 -3.28 21.17
CA GLU C 36 -35.61 -3.09 22.63
C GLU C 36 -35.51 -1.58 22.94
N THR C 37 -36.53 -1.00 23.59
CA THR C 37 -36.51 0.40 24.08
C THR C 37 -35.18 0.62 24.78
N GLU C 38 -34.56 1.80 24.58
CA GLU C 38 -33.37 2.29 25.35
C GLU C 38 -32.05 1.60 24.91
N ALA C 39 -32.06 0.75 23.88
CA ALA C 39 -30.90 -0.06 23.45
C ALA C 39 -29.78 0.88 23.00
N GLY C 40 -30.16 1.95 22.28
CA GLY C 40 -29.23 2.91 21.67
C GLY C 40 -28.87 4.05 22.61
N ALA C 41 -29.50 4.13 23.79
CA ALA C 41 -29.41 5.32 24.67
C ALA C 41 -27.96 5.48 25.16
N GLY C 42 -27.28 4.39 25.56
CA GLY C 42 -25.86 4.38 25.94
C GLY C 42 -24.93 4.99 24.88
N SER C 43 -25.29 4.87 23.58
CA SER C 43 -24.53 5.42 22.42
C SER C 43 -25.18 6.68 21.82
N GLY C 44 -26.22 7.28 22.45
CA GLY C 44 -26.93 8.49 21.96
C GLY C 44 -27.91 8.20 20.81
N PHE C 45 -28.35 6.96 20.66
CA PHE C 45 -29.40 6.61 19.66
C PHE C 45 -30.74 6.44 20.40
N SER C 46 -31.58 7.48 20.32
CA SER C 46 -32.95 7.53 20.89
C SER C 46 -33.82 6.48 20.17
N ASP C 47 -34.93 6.10 20.81
CA ASP C 47 -35.94 5.18 20.23
C ASP C 47 -36.58 5.82 18.98
N SER C 48 -36.75 7.15 18.93
CA SER C 48 -37.46 7.82 17.80
C SER C 48 -36.57 7.90 16.55
N GLU C 49 -35.24 7.96 16.69
CA GLU C 49 -34.29 7.88 15.53
C GLU C 49 -34.40 6.50 14.86
N TYR C 50 -34.40 5.43 15.67
CA TYR C 50 -34.55 4.02 15.23
C TYR C 50 -35.92 3.83 14.53
N GLU C 51 -37.01 4.36 15.12
CA GLU C 51 -38.41 4.30 14.60
C GLU C 51 -38.47 4.89 13.17
N LYS C 52 -37.99 6.12 12.97
CA LYS C 52 -38.08 6.85 11.68
C LYS C 52 -37.23 6.15 10.61
N ALA C 53 -36.21 5.39 11.00
CA ALA C 53 -35.40 4.54 10.09
C ALA C 53 -36.19 3.27 9.72
N GLY C 54 -37.31 3.01 10.40
CA GLY C 54 -38.32 1.98 10.03
C GLY C 54 -38.48 0.88 11.06
N ALA C 55 -37.76 0.89 12.18
CA ALA C 55 -37.71 -0.23 13.15
C ALA C 55 -38.88 -0.15 14.11
N VAL C 56 -39.31 -1.30 14.61
CA VAL C 56 -40.38 -1.40 15.64
C VAL C 56 -39.68 -1.40 17.01
N ILE C 57 -39.92 -0.41 17.85
CA ILE C 57 -39.42 -0.40 19.26
C ILE C 57 -40.33 -1.33 20.08
N VAL C 58 -39.79 -2.42 20.60
CA VAL C 58 -40.53 -3.35 21.51
C VAL C 58 -40.14 -3.01 22.95
N THR C 59 -41.08 -3.20 23.88
CA THR C 59 -40.99 -2.86 25.33
C THR C 59 -40.09 -3.85 26.06
N LYS C 60 -40.00 -5.10 25.60
CA LYS C 60 -39.39 -6.20 26.40
C LYS C 60 -38.28 -6.93 25.63
N ALA C 61 -37.25 -7.30 26.39
CA ALA C 61 -36.04 -8.00 25.95
C ALA C 61 -36.43 -9.25 25.15
N GLU C 62 -37.41 -10.01 25.63
CA GLU C 62 -37.88 -11.27 24.98
C GLU C 62 -38.47 -10.99 23.58
N ASP C 63 -39.06 -9.81 23.35
CA ASP C 63 -39.71 -9.42 22.06
C ASP C 63 -38.66 -9.15 20.96
N ALA C 64 -37.41 -8.79 21.34
CA ALA C 64 -36.22 -8.60 20.47
C ALA C 64 -35.50 -9.93 20.21
N TRP C 65 -35.25 -10.68 21.29
CA TRP C 65 -34.75 -12.08 21.28
C TRP C 65 -35.70 -12.99 20.49
N ALA C 66 -37.00 -12.66 20.43
CA ALA C 66 -38.04 -13.42 19.69
C ALA C 66 -37.59 -13.64 18.25
N ALA C 67 -37.00 -12.61 17.61
CA ALA C 67 -36.68 -12.53 16.16
C ALA C 67 -35.72 -13.66 15.74
N GLU C 68 -35.75 -14.01 14.45
CA GLU C 68 -35.01 -15.17 13.88
C GLU C 68 -33.50 -15.00 14.07
N MET C 69 -33.02 -13.76 13.88
CA MET C 69 -31.61 -13.32 14.11
C MET C 69 -31.58 -12.26 15.23
N VAL C 70 -30.79 -12.55 16.26
CA VAL C 70 -30.42 -11.59 17.36
C VAL C 70 -29.05 -11.01 17.01
N LEU C 71 -28.97 -9.69 16.80
CA LEU C 71 -27.71 -8.91 16.71
C LEU C 71 -27.39 -8.36 18.11
N LYS C 72 -26.21 -8.68 18.63
CA LYS C 72 -25.68 -8.14 19.91
C LYS C 72 -24.19 -7.75 19.76
N VAL C 73 -23.63 -7.09 20.76
CA VAL C 73 -22.19 -6.71 20.88
C VAL C 73 -21.47 -7.74 21.77
N LYS C 74 -22.00 -7.95 22.98
CA LYS C 74 -21.41 -8.83 24.03
C LYS C 74 -21.98 -10.26 24.02
N GLU C 75 -21.27 -11.15 24.72
CA GLU C 75 -21.66 -12.54 25.13
C GLU C 75 -23.03 -12.47 25.81
N PRO C 76 -24.01 -13.36 25.48
CA PRO C 76 -25.17 -13.61 26.34
C PRO C 76 -24.72 -14.09 27.73
N LEU C 77 -25.28 -13.54 28.81
CA LEU C 77 -24.94 -13.88 30.23
C LEU C 77 -25.88 -15.00 30.75
N ALA C 78 -25.64 -15.52 31.95
CA ALA C 78 -26.52 -16.51 32.62
C ALA C 78 -27.99 -16.16 32.30
N GLU C 79 -28.39 -14.95 32.69
CA GLU C 79 -29.79 -14.46 32.66
C GLU C 79 -30.40 -14.49 31.25
N GLU C 80 -29.57 -14.61 30.20
CA GLU C 80 -30.02 -14.51 28.78
C GLU C 80 -30.04 -15.89 28.12
N PHE C 81 -29.48 -16.92 28.73
CA PHE C 81 -29.42 -18.27 28.10
C PHE C 81 -30.86 -18.74 27.84
N ARG C 82 -31.70 -18.46 28.80
CA ARG C 82 -33.15 -18.79 28.73
C ARG C 82 -33.69 -18.59 27.31
N TYR C 83 -33.39 -17.43 26.67
CA TYR C 83 -34.07 -16.95 25.43
C TYR C 83 -33.69 -17.79 24.19
N PHE C 84 -32.64 -18.61 24.29
CA PHE C 84 -32.16 -19.49 23.19
C PHE C 84 -33.26 -20.47 22.76
N ARG C 85 -33.63 -20.47 21.47
CA ARG C 85 -34.62 -21.39 20.82
C ARG C 85 -33.86 -22.34 19.88
N PRO C 86 -34.53 -23.29 19.17
CA PRO C 86 -33.85 -24.05 18.13
C PRO C 86 -33.86 -23.20 16.86
N GLY C 87 -32.72 -23.14 16.15
CA GLY C 87 -32.57 -22.37 14.90
C GLY C 87 -32.64 -20.86 15.10
N LEU C 88 -32.44 -20.36 16.33
CA LEU C 88 -32.14 -18.93 16.58
C LEU C 88 -30.78 -18.63 15.94
N ILE C 89 -30.67 -17.53 15.17
CA ILE C 89 -29.37 -16.96 14.67
C ILE C 89 -28.92 -15.88 15.68
N LEU C 90 -27.74 -16.08 16.27
CA LEU C 90 -27.16 -15.08 17.20
C LEU C 90 -25.85 -14.60 16.57
N PHE C 91 -25.72 -13.30 16.34
CA PHE C 91 -24.49 -12.72 15.74
C PHE C 91 -23.93 -11.66 16.71
N THR C 92 -22.86 -12.00 17.42
CA THR C 92 -22.20 -11.10 18.40
C THR C 92 -20.84 -11.65 18.83
N TYR C 93 -20.03 -10.83 19.51
CA TYR C 93 -18.75 -11.29 20.10
C TYR C 93 -19.07 -12.36 21.15
N LEU C 94 -18.51 -13.55 20.98
CA LEU C 94 -18.88 -14.79 21.71
C LEU C 94 -17.68 -15.28 22.55
N HIS C 95 -16.44 -15.21 22.01
CA HIS C 95 -15.18 -15.76 22.59
C HIS C 95 -15.53 -17.01 23.41
N LEU C 96 -16.06 -18.05 22.77
CA LEU C 96 -16.57 -19.25 23.48
C LEU C 96 -15.46 -19.98 24.26
N ALA C 97 -14.22 -19.87 23.79
CA ALA C 97 -12.99 -20.57 24.26
C ALA C 97 -12.85 -20.60 25.80
N ALA C 98 -13.27 -19.54 26.51
CA ALA C 98 -13.25 -19.46 28.00
C ALA C 98 -14.61 -18.97 28.49
N ALA C 99 -15.68 -19.63 28.04
CA ALA C 99 -17.11 -19.38 28.37
C ALA C 99 -17.93 -20.67 28.18
N GLU C 100 -17.83 -21.60 29.14
CA GLU C 100 -18.31 -23.00 29.04
C GLU C 100 -19.84 -23.06 29.24
N ALA C 101 -20.41 -22.29 30.18
CA ALA C 101 -21.87 -22.18 30.43
C ALA C 101 -22.59 -21.61 29.20
N LEU C 102 -21.88 -20.76 28.44
CA LEU C 102 -22.42 -20.17 27.19
C LEU C 102 -22.44 -21.26 26.11
N THR C 103 -21.35 -22.01 25.96
CA THR C 103 -21.12 -22.99 24.85
C THR C 103 -22.05 -24.21 24.95
N LYS C 104 -22.22 -24.80 26.14
CA LYS C 104 -23.18 -25.92 26.41
C LYS C 104 -24.59 -25.48 26.02
N ALA C 105 -25.00 -24.28 26.47
CA ALA C 105 -26.36 -23.72 26.32
C ALA C 105 -26.70 -23.52 24.83
N LEU C 106 -25.73 -23.14 23.97
CA LEU C 106 -25.91 -22.89 22.50
C LEU C 106 -25.86 -24.23 21.74
N VAL C 107 -25.12 -25.18 22.32
CA VAL C 107 -25.07 -26.60 21.90
C VAL C 107 -26.45 -27.18 22.17
N GLU C 108 -26.84 -27.19 23.45
CA GLU C 108 -28.07 -27.84 23.95
C GLU C 108 -29.31 -27.23 23.26
N GLN C 109 -29.43 -25.90 23.19
CA GLN C 109 -30.65 -25.20 22.67
C GLN C 109 -30.63 -25.07 21.12
N LYS C 110 -29.62 -25.64 20.45
CA LYS C 110 -29.52 -25.72 18.96
C LYS C 110 -29.55 -24.30 18.34
N VAL C 111 -28.97 -23.31 19.02
CA VAL C 111 -28.79 -21.95 18.45
C VAL C 111 -27.65 -22.03 17.42
N VAL C 112 -27.81 -21.32 16.31
CA VAL C 112 -26.72 -20.96 15.37
C VAL C 112 -25.99 -19.74 15.95
N GLY C 113 -24.88 -19.99 16.68
CA GLY C 113 -24.03 -18.95 17.29
C GLY C 113 -22.96 -18.50 16.32
N ILE C 114 -23.08 -17.28 15.77
CA ILE C 114 -22.12 -16.66 14.79
C ILE C 114 -21.33 -15.54 15.51
N ALA C 115 -20.00 -15.70 15.55
CA ALA C 115 -19.06 -14.89 16.36
C ALA C 115 -18.41 -13.81 15.49
N TYR C 116 -18.46 -12.57 15.95
CA TYR C 116 -17.78 -11.41 15.31
C TYR C 116 -16.29 -11.73 15.12
N GLU C 117 -15.62 -12.24 16.16
CA GLU C 117 -14.14 -12.36 16.28
C GLU C 117 -13.56 -13.52 15.46
N THR C 118 -14.37 -14.41 14.87
CA THR C 118 -13.89 -15.53 14.01
C THR C 118 -14.24 -15.30 12.52
N VAL C 119 -15.03 -14.27 12.16
CA VAL C 119 -15.19 -13.87 10.72
C VAL C 119 -13.81 -13.44 10.23
N GLN C 120 -13.36 -13.99 9.09
CA GLN C 120 -11.94 -13.91 8.67
C GLN C 120 -11.81 -14.03 7.14
N LEU C 121 -11.10 -13.08 6.55
CA LEU C 121 -10.84 -12.95 5.09
C LEU C 121 -9.69 -13.90 4.73
N ALA C 122 -9.57 -14.20 3.42
CA ALA C 122 -8.55 -15.11 2.85
C ALA C 122 -7.13 -14.65 3.24
N ASN C 123 -6.85 -13.35 3.41
CA ASN C 123 -5.50 -12.88 3.85
C ASN C 123 -5.36 -13.08 5.37
N GLY C 124 -6.35 -13.71 6.00
CA GLY C 124 -6.28 -14.10 7.42
C GLY C 124 -6.63 -12.99 8.41
N SER C 125 -6.87 -11.75 7.98
CA SER C 125 -7.23 -10.60 8.86
C SER C 125 -8.67 -10.79 9.38
N LEU C 126 -8.99 -10.19 10.52
CA LEU C 126 -10.32 -10.32 11.17
C LEU C 126 -11.03 -8.98 11.07
N PRO C 127 -11.77 -8.75 9.96
CA PRO C 127 -12.28 -7.41 9.68
C PRO C 127 -13.09 -6.91 10.87
N LEU C 128 -13.64 -7.80 11.69
CA LEU C 128 -14.69 -7.42 12.67
C LEU C 128 -14.04 -7.11 14.04
N LEU C 129 -12.71 -7.27 14.15
CA LEU C 129 -11.90 -6.86 15.32
C LEU C 129 -11.11 -5.58 15.03
N THR C 130 -10.66 -5.38 13.80
CA THR C 130 -9.82 -4.22 13.36
C THR C 130 -10.38 -2.90 13.93
N PRO C 131 -11.69 -2.60 13.79
CA PRO C 131 -12.23 -1.32 14.25
C PRO C 131 -12.04 -1.06 15.75
N MET C 132 -12.12 -2.11 16.54
CA MET C 132 -11.94 -1.99 17.99
C MET C 132 -10.45 -1.79 18.25
N SER C 133 -9.54 -2.37 17.46
CA SER C 133 -8.09 -2.04 17.64
C SER C 133 -7.87 -0.59 17.26
N GLU C 134 -8.56 -0.08 16.26
CA GLU C 134 -8.37 1.33 15.84
C GLU C 134 -8.79 2.24 17.00
N VAL C 135 -9.99 2.02 17.53
CA VAL C 135 -10.51 2.83 18.68
C VAL C 135 -9.55 2.71 19.86
N ALA C 136 -9.15 1.50 20.24
CA ALA C 136 -8.24 1.32 21.38
C ALA C 136 -6.92 2.06 21.13
N GLY C 137 -6.37 2.00 19.91
CA GLY C 137 -5.11 2.73 19.60
C GLY C 137 -5.24 4.23 19.81
N ARG C 138 -6.28 4.80 19.24
CA ARG C 138 -6.54 6.26 19.37
C ARG C 138 -6.74 6.64 20.85
N MET C 139 -7.46 5.81 21.61
CA MET C 139 -7.69 6.02 23.08
C MET C 139 -6.39 5.94 23.88
N SER C 140 -5.47 5.06 23.46
CA SER C 140 -4.29 4.68 24.28
C SER C 140 -3.50 5.93 24.67
N VAL C 141 -3.26 6.84 23.74
CA VAL C 141 -2.41 8.04 23.95
C VAL C 141 -3.20 9.16 24.66
N GLN C 142 -4.49 9.27 24.41
CA GLN C 142 -5.41 10.20 25.13
C GLN C 142 -5.40 9.86 26.64
N VAL C 143 -5.54 8.57 26.94
CA VAL C 143 -5.45 8.03 28.32
C VAL C 143 -4.04 8.30 28.88
N GLY C 144 -3.00 8.01 28.10
CA GLY C 144 -1.62 8.27 28.51
C GLY C 144 -1.40 9.72 28.93
N ALA C 145 -1.88 10.66 28.13
CA ALA C 145 -1.78 12.10 28.40
C ALA C 145 -2.52 12.43 29.71
N GLN C 146 -3.69 11.84 29.95
CA GLN C 146 -4.45 12.12 31.20
C GLN C 146 -3.65 11.69 32.42
N PHE C 147 -3.04 10.50 32.37
CA PHE C 147 -2.26 9.93 33.51
C PHE C 147 -0.93 10.66 33.71
N LEU C 148 -0.43 11.36 32.68
CA LEU C 148 0.80 12.17 32.78
C LEU C 148 0.56 13.41 33.67
N GLU C 149 -0.69 13.87 33.80
CA GLU C 149 -1.06 15.02 34.67
C GLU C 149 -0.77 14.63 36.12
N LYS C 150 -0.28 15.59 36.91
CA LYS C 150 0.13 15.35 38.33
C LYS C 150 -1.03 14.85 39.19
N PRO C 151 -2.23 15.38 38.98
CA PRO C 151 -3.40 14.98 39.78
C PRO C 151 -3.72 13.48 39.67
N HIS C 152 -3.53 12.88 38.49
CA HIS C 152 -3.82 11.45 38.26
C HIS C 152 -2.65 10.54 38.69
N GLY C 153 -1.52 11.12 39.12
CA GLY C 153 -0.36 10.33 39.56
C GLY C 153 0.84 10.44 38.67
N GLY C 154 0.76 11.19 37.57
CA GLY C 154 1.89 11.31 36.64
C GLY C 154 2.84 12.41 37.03
N LYS C 155 3.92 12.53 36.28
CA LYS C 155 4.98 13.53 36.55
C LYS C 155 4.55 14.96 36.18
N GLY C 156 3.38 15.18 35.56
CA GLY C 156 2.88 16.55 35.32
C GLY C 156 3.48 17.19 34.09
N ILE C 157 3.36 16.54 32.91
CA ILE C 157 3.84 17.14 31.64
C ILE C 157 2.76 17.06 30.58
N LEU C 158 2.80 18.01 29.65
CA LEU C 158 2.10 17.90 28.34
C LEU C 158 3.01 17.13 27.37
N LEU C 159 2.46 16.22 26.58
CA LEU C 159 3.22 15.47 25.53
C LEU C 159 3.86 16.46 24.52
N GLY C 160 3.18 17.56 24.21
CA GLY C 160 3.61 18.54 23.20
C GLY C 160 4.48 19.65 23.78
N GLY C 161 4.72 19.63 25.09
CA GLY C 161 5.29 20.81 25.77
C GLY C 161 4.57 22.09 25.37
N VAL C 162 5.35 23.17 25.23
CA VAL C 162 4.95 24.51 24.74
C VAL C 162 6.22 25.13 24.20
N PRO C 163 6.12 26.30 23.50
CA PRO C 163 7.32 26.92 22.93
C PRO C 163 8.40 27.10 23.98
N GLY C 164 9.60 26.64 23.66
CA GLY C 164 10.76 26.72 24.56
C GLY C 164 10.80 25.59 25.58
N VAL C 165 9.88 24.64 25.51
CA VAL C 165 9.83 23.53 26.50
C VAL C 165 9.84 22.21 25.72
N ARG C 166 10.63 21.25 26.21
CA ARG C 166 10.79 19.90 25.62
C ARG C 166 9.47 19.15 25.64
N ARG C 167 9.30 18.26 24.67
CA ARG C 167 8.10 17.45 24.44
C ARG C 167 8.21 16.15 25.22
N GLY C 168 7.11 15.45 25.45
CA GLY C 168 7.19 14.14 26.09
C GLY C 168 7.65 13.09 25.07
N LYS C 169 8.11 11.97 25.58
CA LYS C 169 8.64 10.85 24.76
C LYS C 169 7.69 9.69 24.86
N VAL C 170 7.15 9.33 23.71
CA VAL C 170 6.21 8.21 23.57
C VAL C 170 6.89 7.09 22.76
N THR C 171 6.90 5.89 23.32
CA THR C 171 7.34 4.63 22.70
C THR C 171 6.08 3.80 22.47
N ILE C 172 5.82 3.43 21.23
CA ILE C 172 4.72 2.51 20.84
C ILE C 172 5.36 1.18 20.44
N ILE C 173 5.06 0.11 21.16
CA ILE C 173 5.65 -1.24 20.90
C ILE C 173 4.62 -2.02 20.12
N GLY C 174 4.83 -2.17 18.81
CA GLY C 174 3.84 -2.79 17.90
C GLY C 174 3.28 -1.75 16.94
N GLY C 175 3.42 -1.99 15.65
CA GLY C 175 3.19 -0.99 14.58
C GLY C 175 2.07 -1.42 13.67
N GLY C 176 1.20 -2.28 14.18
CA GLY C 176 -0.01 -2.69 13.44
C GLY C 176 -1.17 -1.75 13.67
N THR C 177 -2.40 -2.25 13.63
CA THR C 177 -3.62 -1.39 13.63
C THR C 177 -3.64 -0.47 14.88
N ALA C 178 -3.51 -1.06 16.06
CA ALA C 178 -3.59 -0.36 17.35
C ALA C 178 -2.44 0.64 17.42
N GLY C 179 -1.21 0.17 17.16
CA GLY C 179 0.00 1.00 17.30
C GLY C 179 0.01 2.16 16.33
N THR C 180 -0.46 1.96 15.10
CA THR C 180 -0.42 2.99 14.07
C THR C 180 -1.38 4.11 14.53
N ASN C 181 -2.53 3.71 15.01
CA ASN C 181 -3.61 4.64 15.43
C ASN C 181 -3.12 5.39 16.67
N ALA C 182 -2.40 4.72 17.55
CA ALA C 182 -1.80 5.33 18.75
C ALA C 182 -0.77 6.38 18.30
N ALA C 183 0.07 6.03 17.30
CA ALA C 183 1.12 6.96 16.80
C ALA C 183 0.47 8.20 16.21
N LYS C 184 -0.67 8.08 15.52
CA LYS C 184 -1.33 9.27 14.92
C LYS C 184 -1.66 10.28 16.04
N ILE C 185 -2.14 9.79 17.18
CA ILE C 185 -2.59 10.68 18.28
C ILE C 185 -1.35 11.22 18.98
N ALA C 186 -0.32 10.40 19.17
CA ALA C 186 0.92 10.84 19.86
C ALA C 186 1.61 11.91 19.01
N VAL C 187 1.62 11.74 17.69
CA VAL C 187 2.15 12.79 16.78
C VAL C 187 1.30 14.06 16.98
N GLY C 188 -0.01 13.94 16.91
CA GLY C 188 -0.94 15.09 16.95
C GLY C 188 -0.86 15.87 18.26
N LEU C 189 -0.64 15.19 19.39
CA LEU C 189 -0.44 15.85 20.72
C LEU C 189 0.96 16.49 20.83
N GLY C 190 1.86 16.22 19.88
CA GLY C 190 3.16 16.89 19.79
C GLY C 190 4.27 16.12 20.45
N ALA C 191 4.09 14.83 20.71
CA ALA C 191 5.12 13.97 21.34
C ALA C 191 6.24 13.70 20.32
N ASP C 192 7.42 13.42 20.85
CA ASP C 192 8.55 12.72 20.17
C ASP C 192 8.21 11.23 20.21
N VAL C 193 7.94 10.64 19.05
CA VAL C 193 7.28 9.31 18.94
C VAL C 193 8.26 8.31 18.32
N THR C 194 8.50 7.21 19.02
CA THR C 194 9.22 6.02 18.52
C THR C 194 8.24 4.86 18.41
N ILE C 195 8.16 4.22 17.23
CA ILE C 195 7.35 3.00 16.99
C ILE C 195 8.31 1.85 16.73
N LEU C 196 8.11 0.76 17.47
CA LEU C 196 8.89 -0.48 17.33
C LEU C 196 8.02 -1.53 16.68
N ASP C 197 8.60 -2.30 15.76
CA ASP C 197 7.96 -3.53 15.21
C ASP C 197 9.07 -4.50 14.81
N ILE C 198 8.73 -5.79 14.75
CA ILE C 198 9.66 -6.88 14.33
C ILE C 198 9.68 -6.96 12.79
N ASN C 199 8.63 -6.48 12.14
CA ASN C 199 8.42 -6.61 10.68
C ASN C 199 9.02 -5.40 9.94
N ALA C 200 10.18 -5.55 9.29
CA ALA C 200 10.86 -4.47 8.53
C ALA C 200 9.92 -3.89 7.46
N GLU C 201 9.07 -4.68 6.83
CA GLU C 201 8.15 -4.14 5.79
C GLU C 201 7.15 -3.18 6.47
N ARG C 202 6.67 -3.49 7.66
CA ARG C 202 5.70 -2.59 8.35
C ARG C 202 6.42 -1.29 8.71
N LEU C 203 7.70 -1.38 9.12
CA LEU C 203 8.52 -0.19 9.42
C LEU C 203 8.63 0.70 8.17
N ARG C 204 8.85 0.10 7.00
CA ARG C 204 8.91 0.86 5.73
C ARG C 204 7.54 1.50 5.42
N GLU C 205 6.44 0.80 5.65
CA GLU C 205 5.08 1.35 5.44
C GLU C 205 4.87 2.50 6.44
N LEU C 206 5.33 2.35 7.69
CA LEU C 206 5.16 3.42 8.73
C LEU C 206 5.98 4.63 8.31
N ASP C 207 7.18 4.40 7.77
CA ASP C 207 8.04 5.49 7.27
C ASP C 207 7.31 6.20 6.12
N ASP C 208 6.62 5.47 5.26
CA ASP C 208 5.88 6.13 4.15
C ASP C 208 4.69 6.94 4.71
N LEU C 209 3.99 6.38 5.69
CA LEU C 209 2.80 7.00 6.30
C LEU C 209 3.22 8.26 7.11
N PHE C 210 4.26 8.20 7.93
CA PHE C 210 4.60 9.25 8.91
C PHE C 210 5.78 10.13 8.49
N GLY C 211 6.70 9.61 7.69
CA GLY C 211 7.95 10.32 7.39
C GLY C 211 8.66 10.74 8.66
N ASP C 212 9.08 12.01 8.70
CA ASP C 212 9.90 12.62 9.77
C ASP C 212 9.06 12.88 11.03
N GLN C 213 7.77 12.54 11.04
CA GLN C 213 6.88 12.77 12.22
C GLN C 213 7.16 11.75 13.33
N VAL C 214 7.73 10.59 13.00
CA VAL C 214 8.08 9.50 13.95
C VAL C 214 9.47 8.97 13.63
N THR C 215 10.05 8.21 14.56
CA THR C 215 11.17 7.31 14.30
C THR C 215 10.66 5.87 14.33
N THR C 216 10.89 5.11 13.26
CA THR C 216 10.64 3.65 13.19
C THR C 216 11.89 2.92 13.72
N LEU C 217 11.71 1.88 14.52
CA LEU C 217 12.86 1.18 15.14
C LEU C 217 12.58 -0.34 15.18
N MET C 218 13.57 -1.12 14.74
CA MET C 218 13.48 -2.61 14.76
C MET C 218 13.38 -3.01 16.23
N SER C 219 12.39 -3.86 16.50
CA SER C 219 12.08 -4.37 17.86
C SER C 219 13.05 -5.51 18.23
N ASN C 220 13.71 -5.39 19.35
CA ASN C 220 14.51 -6.46 20.00
C ASN C 220 14.65 -6.02 21.46
N SER C 221 15.11 -6.87 22.36
CA SER C 221 14.97 -6.64 23.82
C SER C 221 15.83 -5.43 24.19
N TYR C 222 16.93 -5.25 23.47
CA TYR C 222 17.86 -4.13 23.73
C TYR C 222 17.17 -2.79 23.38
N HIS C 223 16.66 -2.66 22.15
CA HIS C 223 15.97 -1.45 21.65
C HIS C 223 14.76 -1.15 22.58
N ILE C 224 14.00 -2.16 22.97
CA ILE C 224 12.80 -1.96 23.85
C ILE C 224 13.30 -1.39 25.19
N ALA C 225 14.34 -1.97 25.77
CA ALA C 225 14.91 -1.53 27.06
C ALA C 225 15.37 -0.09 26.95
N GLU C 226 16.03 0.26 25.85
CA GLU C 226 16.56 1.65 25.64
C GLU C 226 15.39 2.63 25.52
N CYS C 227 14.38 2.30 24.73
CA CYS C 227 13.23 3.23 24.54
C CYS C 227 12.50 3.39 25.88
N VAL C 228 12.19 2.27 26.58
CA VAL C 228 11.39 2.32 27.82
C VAL C 228 12.11 3.21 28.83
N ARG C 229 13.43 3.07 28.94
CA ARG C 229 14.19 3.82 29.95
C ARG C 229 13.84 5.31 29.83
N GLU C 230 13.80 5.83 28.61
CA GLU C 230 13.72 7.28 28.32
C GLU C 230 12.26 7.70 28.07
N SER C 231 11.29 6.80 28.20
CA SER C 231 9.88 7.08 27.81
C SER C 231 9.12 7.81 28.94
N ASP C 232 8.28 8.80 28.61
CA ASP C 232 7.23 9.35 29.52
C ASP C 232 6.00 8.45 29.47
N LEU C 233 5.73 7.86 28.29
CA LEU C 233 4.57 7.00 28.03
C LEU C 233 5.01 5.83 27.13
N VAL C 234 4.62 4.62 27.47
CA VAL C 234 4.85 3.40 26.65
C VAL C 234 3.48 2.82 26.39
N VAL C 235 3.14 2.69 25.12
CA VAL C 235 1.90 2.00 24.68
C VAL C 235 2.25 0.59 24.20
N GLY C 236 1.63 -0.42 24.82
CA GLY C 236 1.74 -1.84 24.46
C GLY C 236 0.74 -2.16 23.39
N ALA C 237 1.17 -2.47 22.17
CA ALA C 237 0.26 -2.67 21.03
C ALA C 237 0.70 -3.89 20.20
N VAL C 238 1.22 -4.92 20.84
CA VAL C 238 1.58 -6.19 20.15
C VAL C 238 0.41 -7.18 20.19
N LEU C 239 0.18 -7.83 19.05
CA LEU C 239 -0.67 -9.04 18.89
C LEU C 239 0.13 -10.17 18.23
N ILE C 240 0.08 -11.37 18.81
CA ILE C 240 0.42 -12.64 18.11
C ILE C 240 -0.92 -13.34 17.93
N PRO C 241 -1.48 -13.34 16.69
CA PRO C 241 -2.94 -13.37 16.49
C PRO C 241 -3.67 -14.52 17.21
N GLY C 242 -3.02 -15.69 17.34
CA GLY C 242 -3.49 -16.78 18.21
C GLY C 242 -3.24 -16.48 19.67
N ALA C 243 -1.96 -16.33 20.04
CA ALA C 243 -1.37 -16.62 21.37
C ALA C 243 -1.81 -15.62 22.45
N LYS C 244 -1.28 -15.86 23.66
CA LYS C 244 -1.15 -14.85 24.73
C LYS C 244 -0.09 -13.85 24.27
N ALA C 245 -0.24 -12.59 24.66
CA ALA C 245 0.71 -11.51 24.37
C ALA C 245 2.07 -11.88 24.95
N PRO C 246 3.18 -11.69 24.20
CA PRO C 246 4.52 -11.89 24.76
C PRO C 246 4.94 -10.81 25.78
N LYS C 247 5.72 -11.21 26.76
CA LYS C 247 6.19 -10.29 27.83
C LYS C 247 7.41 -9.57 27.32
N LEU C 248 7.23 -8.44 26.66
CA LEU C 248 8.35 -7.69 26.03
C LEU C 248 8.95 -6.65 26.98
N VAL C 249 8.19 -6.17 27.98
CA VAL C 249 8.74 -5.15 28.91
C VAL C 249 8.90 -5.79 30.29
N THR C 250 10.14 -5.90 30.74
CA THR C 250 10.47 -6.62 31.98
C THR C 250 10.32 -5.65 33.15
N GLU C 251 10.20 -6.22 34.33
CA GLU C 251 10.28 -5.48 35.59
C GLU C 251 11.55 -4.64 35.60
N GLU C 252 12.67 -5.18 35.16
CA GLU C 252 13.94 -4.41 35.20
C GLU C 252 13.78 -3.18 34.29
N MET C 253 13.08 -3.30 33.17
CA MET C 253 12.90 -2.14 32.28
C MET C 253 12.03 -1.08 32.99
N VAL C 254 10.94 -1.51 33.64
CA VAL C 254 9.97 -0.58 34.29
C VAL C 254 10.71 0.17 35.40
N ARG C 255 11.59 -0.53 36.11
CA ARG C 255 12.36 0.04 37.23
C ARG C 255 13.37 1.07 36.70
N SER C 256 13.77 1.01 35.43
CA SER C 256 14.74 1.97 34.82
C SER C 256 14.03 3.30 34.50
N MET C 257 12.70 3.32 34.54
CA MET C 257 11.85 4.49 34.15
C MET C 257 11.86 5.57 35.24
N THR C 258 11.69 6.83 34.85
CA THR C 258 11.50 7.97 35.79
C THR C 258 10.11 7.88 36.44
N PRO C 259 10.03 8.29 37.71
CA PRO C 259 8.77 8.29 38.46
C PRO C 259 7.65 9.10 37.76
N GLY C 260 6.42 8.60 37.78
CA GLY C 260 5.28 9.32 37.17
C GLY C 260 5.27 9.19 35.65
N SER C 261 6.06 8.27 35.08
CA SER C 261 5.91 7.82 33.69
C SER C 261 4.67 6.93 33.66
N VAL C 262 4.13 6.66 32.47
CA VAL C 262 2.86 5.91 32.32
C VAL C 262 3.04 4.74 31.34
N LEU C 263 2.44 3.59 31.65
CA LEU C 263 2.30 2.41 30.78
C LEU C 263 0.82 2.19 30.46
N VAL C 264 0.50 2.08 29.18
CA VAL C 264 -0.86 1.69 28.74
C VAL C 264 -0.73 0.42 27.93
N ASP C 265 -1.31 -0.67 28.39
CA ASP C 265 -1.15 -2.00 27.76
C ASP C 265 -2.44 -2.29 27.02
N VAL C 266 -2.55 -1.80 25.79
CA VAL C 266 -3.69 -2.14 24.90
C VAL C 266 -3.80 -3.68 24.81
N ALA C 267 -2.69 -4.41 25.03
CA ALA C 267 -2.59 -5.85 24.71
C ALA C 267 -3.09 -6.69 25.88
N ILE C 268 -3.69 -6.06 26.92
CA ILE C 268 -4.18 -6.67 28.20
C ILE C 268 -5.25 -7.76 27.94
N ASP C 269 -6.12 -7.56 26.95
CA ASP C 269 -7.22 -8.52 26.64
C ASP C 269 -6.63 -9.87 26.19
N GLN C 270 -5.33 -9.96 25.88
CA GLN C 270 -4.56 -11.20 25.57
C GLN C 270 -3.50 -11.45 26.65
N GLY C 271 -3.60 -10.80 27.81
CA GLY C 271 -2.65 -10.94 28.92
C GLY C 271 -1.64 -9.79 29.05
N GLY C 272 -1.41 -8.97 28.02
CA GLY C 272 -0.56 -7.77 28.09
C GLY C 272 0.93 -8.05 27.92
N ILE C 273 1.70 -7.05 27.50
CA ILE C 273 3.14 -7.19 27.19
C ILE C 273 4.05 -6.72 28.32
N PHE C 274 3.50 -6.20 29.43
CA PHE C 274 4.32 -5.73 30.59
C PHE C 274 4.31 -6.79 31.69
N GLU C 275 5.51 -7.21 32.11
CA GLU C 275 5.71 -8.18 33.21
C GLU C 275 5.00 -7.65 34.45
N THR C 276 5.08 -6.33 34.69
CA THR C 276 4.57 -5.61 35.89
C THR C 276 3.04 -5.40 35.83
N THR C 277 2.38 -5.76 34.74
CA THR C 277 0.91 -5.69 34.77
C THR C 277 0.45 -6.95 35.49
N ASP C 278 0.12 -6.86 36.77
CA ASP C 278 -0.26 -8.04 37.59
C ASP C 278 -1.76 -8.26 37.57
N ARG C 279 -2.53 -7.34 37.00
CA ARG C 279 -4.01 -7.47 37.00
C ARG C 279 -4.66 -6.57 35.95
N VAL C 280 -5.93 -6.84 35.65
CA VAL C 280 -6.79 -6.01 34.75
C VAL C 280 -7.41 -4.89 35.58
N THR C 281 -7.21 -3.65 35.15
CA THR C 281 -7.86 -2.43 35.70
C THR C 281 -9.20 -2.24 34.99
N THR C 282 -9.98 -1.28 35.49
CA THR C 282 -11.35 -0.97 35.01
C THR C 282 -11.44 0.55 34.76
N HIS C 283 -12.46 0.97 34.00
CA HIS C 283 -12.66 2.43 33.74
C HIS C 283 -12.84 3.10 35.10
N ASP C 284 -13.51 2.43 36.03
CA ASP C 284 -13.76 2.97 37.40
C ASP C 284 -12.45 3.07 38.18
N ASP C 285 -11.62 2.02 38.13
CA ASP C 285 -10.30 1.92 38.83
C ASP C 285 -9.19 1.70 37.80
N PRO C 286 -8.80 2.77 37.06
CA PRO C 286 -7.96 2.60 35.88
C PRO C 286 -6.50 2.23 36.17
N THR C 287 -5.92 2.65 37.30
CA THR C 287 -4.46 2.55 37.48
C THR C 287 -4.04 2.05 38.85
N TYR C 288 -2.85 1.49 38.92
CA TYR C 288 -2.00 1.32 40.14
C TYR C 288 -0.59 1.77 39.78
N VAL C 289 0.23 1.87 40.81
CA VAL C 289 1.64 2.34 40.76
C VAL C 289 2.55 1.18 41.16
N LYS C 290 3.58 0.87 40.36
CA LYS C 290 4.67 -0.07 40.71
C LYS C 290 5.98 0.58 40.29
N HIS C 291 6.93 0.65 41.20
CA HIS C 291 8.27 1.24 40.97
C HIS C 291 8.11 2.69 40.53
N GLY C 292 7.11 3.39 41.06
CA GLY C 292 6.89 4.83 40.80
C GLY C 292 6.22 5.07 39.44
N VAL C 293 5.83 4.01 38.73
CA VAL C 293 5.30 4.09 37.34
C VAL C 293 3.81 3.78 37.36
N VAL C 294 3.02 4.62 36.69
CA VAL C 294 1.55 4.44 36.62
C VAL C 294 1.25 3.35 35.60
N HIS C 295 0.48 2.36 36.01
CA HIS C 295 0.11 1.23 35.13
C HIS C 295 -1.38 1.32 34.85
N TYR C 296 -1.75 1.34 33.58
CA TYR C 296 -3.14 1.33 33.11
C TYR C 296 -3.30 0.06 32.28
N ALA C 297 -4.28 -0.78 32.61
CA ALA C 297 -4.57 -1.99 31.80
C ALA C 297 -6.07 -2.27 31.75
N VAL C 298 -6.82 -1.35 31.14
CA VAL C 298 -8.28 -1.52 30.97
C VAL C 298 -8.49 -2.35 29.69
N ALA C 299 -9.18 -3.48 29.83
CA ALA C 299 -9.88 -4.11 28.71
C ALA C 299 -11.08 -3.20 28.40
N ASN C 300 -11.54 -3.29 27.17
CA ASN C 300 -12.66 -2.51 26.62
C ASN C 300 -12.39 -1.01 26.79
N MET C 301 -11.21 -0.55 26.42
CA MET C 301 -10.98 0.90 26.16
C MET C 301 -12.07 1.44 25.24
N PRO C 302 -12.50 0.75 24.15
CA PRO C 302 -13.52 1.29 23.27
C PRO C 302 -14.90 1.48 23.91
N GLY C 303 -15.18 0.73 24.99
CA GLY C 303 -16.34 0.95 25.86
C GLY C 303 -16.45 2.37 26.39
N ALA C 304 -15.34 3.08 26.56
CA ALA C 304 -15.29 4.49 26.98
C ALA C 304 -15.85 5.44 25.92
N VAL C 305 -15.87 5.05 24.64
CA VAL C 305 -16.34 5.94 23.55
C VAL C 305 -17.34 5.13 22.72
N PRO C 306 -18.44 4.75 23.41
CA PRO C 306 -19.42 3.83 22.84
C PRO C 306 -20.04 4.36 21.54
N ARG C 307 -20.23 5.66 21.44
CA ARG C 307 -20.87 6.18 20.23
C ARG C 307 -19.93 5.99 19.03
N THR C 308 -18.65 6.36 19.15
CA THR C 308 -17.62 6.12 18.11
C THR C 308 -17.50 4.59 17.87
N SER C 309 -17.39 3.82 18.96
CA SER C 309 -17.10 2.37 18.99
C SER C 309 -18.20 1.61 18.27
N THR C 310 -19.44 2.03 18.50
CA THR C 310 -20.67 1.40 17.94
C THR C 310 -20.75 1.64 16.43
N PHE C 311 -20.59 2.88 16.00
CA PHE C 311 -20.48 3.20 14.55
C PHE C 311 -19.40 2.28 13.92
N ALA C 312 -18.21 2.20 14.51
CA ALA C 312 -17.06 1.56 13.83
C ALA C 312 -17.30 0.04 13.71
N LEU C 313 -17.95 -0.54 14.70
CA LEU C 313 -18.23 -1.98 14.76
C LEU C 313 -19.39 -2.31 13.82
N THR C 314 -20.47 -1.56 13.89
CA THR C 314 -21.69 -1.83 13.10
C THR C 314 -21.48 -1.38 11.65
N ASN C 315 -20.51 -0.51 11.37
CA ASN C 315 -20.15 -0.20 9.95
C ASN C 315 -19.85 -1.51 9.21
N VAL C 316 -19.26 -2.51 9.89
CA VAL C 316 -18.71 -3.72 9.23
C VAL C 316 -19.41 -5.02 9.67
N THR C 317 -20.27 -5.04 10.71
CA THR C 317 -21.12 -6.22 11.10
C THR C 317 -22.40 -6.26 10.26
N ILE C 318 -23.08 -5.11 10.09
CA ILE C 318 -24.42 -5.02 9.43
C ILE C 318 -24.34 -5.52 7.99
N PRO C 319 -23.28 -5.23 7.18
CA PRO C 319 -23.16 -5.86 5.86
C PRO C 319 -23.21 -7.40 5.90
N TYR C 320 -22.57 -8.08 6.87
CA TYR C 320 -22.70 -9.54 7.10
C TYR C 320 -24.10 -9.93 7.61
N ALA C 321 -24.72 -9.12 8.48
CA ALA C 321 -26.13 -9.35 8.92
C ALA C 321 -27.10 -9.33 7.71
N LEU C 322 -26.99 -8.33 6.83
CA LEU C 322 -27.81 -8.16 5.60
C LEU C 322 -27.77 -9.42 4.72
N GLN C 323 -26.58 -10.02 4.54
CA GLN C 323 -26.40 -11.26 3.75
C GLN C 323 -27.23 -12.39 4.40
N ILE C 324 -27.09 -12.59 5.72
CA ILE C 324 -27.79 -13.67 6.48
C ILE C 324 -29.31 -13.47 6.33
N ALA C 325 -29.78 -12.22 6.50
CA ALA C 325 -31.20 -11.79 6.42
C ALA C 325 -31.78 -12.01 5.01
N ASN C 326 -31.06 -11.56 3.98
CA ASN C 326 -31.43 -11.59 2.53
C ASN C 326 -31.51 -13.02 1.98
N LYS C 327 -30.66 -13.93 2.46
CA LYS C 327 -30.37 -15.23 1.78
C LYS C 327 -30.49 -16.43 2.72
N GLY C 328 -30.89 -16.22 3.99
CA GLY C 328 -30.84 -17.23 5.06
C GLY C 328 -29.39 -17.53 5.44
N TYR C 329 -29.13 -17.85 6.70
CA TYR C 329 -27.74 -17.97 7.22
C TYR C 329 -26.96 -18.99 6.38
N ARG C 330 -27.66 -19.95 5.77
CA ARG C 330 -27.02 -21.11 5.09
C ARG C 330 -26.45 -20.64 3.75
N ALA C 331 -27.28 -20.10 2.84
CA ALA C 331 -26.85 -19.65 1.48
C ALA C 331 -25.76 -18.58 1.62
N ALA C 332 -25.95 -17.61 2.53
CA ALA C 332 -25.00 -16.51 2.80
C ALA C 332 -23.61 -17.04 3.22
N CYS C 333 -23.50 -18.12 4.02
CA CYS C 333 -22.21 -18.67 4.55
C CYS C 333 -21.50 -19.55 3.49
N LEU C 334 -22.27 -20.27 2.68
CA LEU C 334 -21.72 -21.02 1.51
C LEU C 334 -21.18 -19.98 0.51
N ASP C 335 -21.91 -18.88 0.28
CA ASP C 335 -21.56 -17.75 -0.64
C ASP C 335 -20.37 -16.91 -0.12
N ASN C 336 -20.06 -16.92 1.18
CA ASN C 336 -19.10 -15.97 1.82
C ASN C 336 -18.18 -16.74 2.78
N PRO C 337 -17.02 -17.29 2.30
CA PRO C 337 -16.20 -18.20 3.10
C PRO C 337 -15.70 -17.58 4.41
N ALA C 338 -15.74 -16.24 4.50
CA ALA C 338 -15.30 -15.44 5.66
C ALA C 338 -16.41 -15.47 6.72
N LEU C 339 -17.67 -15.20 6.31
CA LEU C 339 -18.85 -15.30 7.22
C LEU C 339 -18.89 -16.73 7.81
N LEU C 340 -18.81 -17.78 6.97
CA LEU C 340 -18.74 -19.23 7.35
C LEU C 340 -17.77 -19.45 8.52
N LYS C 341 -16.57 -18.86 8.48
CA LYS C 341 -15.54 -19.02 9.55
C LYS C 341 -16.05 -18.38 10.84
N GLY C 342 -17.20 -17.67 10.78
CA GLY C 342 -17.92 -17.10 11.92
C GLY C 342 -18.73 -18.12 12.72
N ILE C 343 -19.33 -19.13 12.06
CA ILE C 343 -20.15 -20.18 12.74
C ILE C 343 -19.27 -20.80 13.83
N ASN C 344 -19.67 -20.63 15.10
CA ASN C 344 -19.00 -21.18 16.31
C ASN C 344 -19.78 -22.40 16.82
N THR C 345 -21.11 -22.40 16.69
CA THR C 345 -22.02 -23.50 17.09
C THR C 345 -23.15 -23.61 16.04
N LEU C 346 -23.55 -24.84 15.69
CA LEU C 346 -24.62 -25.12 14.68
C LEU C 346 -25.29 -26.49 14.95
N ASP C 347 -26.62 -26.52 15.08
CA ASP C 347 -27.51 -27.71 15.24
C ASP C 347 -27.04 -28.63 16.37
N GLY C 348 -26.53 -28.07 17.47
CA GLY C 348 -26.07 -28.83 18.66
C GLY C 348 -24.60 -29.21 18.61
N HIS C 349 -23.91 -29.00 17.47
CA HIS C 349 -22.46 -29.31 17.29
C HIS C 349 -21.64 -28.04 17.54
N ILE C 350 -20.37 -28.19 17.97
CA ILE C 350 -19.34 -27.12 18.14
C ILE C 350 -18.42 -27.15 16.93
N VAL C 351 -18.73 -26.37 15.90
CA VAL C 351 -18.17 -26.55 14.53
C VAL C 351 -16.80 -25.85 14.41
N TYR C 352 -16.46 -24.95 15.34
CA TYR C 352 -15.14 -24.24 15.40
C TYR C 352 -14.18 -25.10 16.22
N GLU C 353 -13.04 -25.47 15.62
CA GLU C 353 -12.12 -26.56 16.09
C GLU C 353 -11.45 -26.19 17.43
N ALA C 354 -11.04 -24.93 17.59
CA ALA C 354 -10.26 -24.48 18.76
C ALA C 354 -11.16 -24.38 20.02
N VAL C 355 -12.47 -24.09 19.88
CA VAL C 355 -13.43 -23.92 21.03
C VAL C 355 -13.85 -25.30 21.58
N ALA C 356 -14.18 -26.27 20.71
CA ALA C 356 -14.42 -27.69 21.07
C ALA C 356 -13.17 -28.24 21.76
N ALA C 357 -11.99 -27.87 21.24
CA ALA C 357 -10.65 -28.33 21.68
C ALA C 357 -10.30 -27.77 23.07
N ALA C 358 -10.88 -26.65 23.50
CA ALA C 358 -10.55 -25.96 24.78
C ALA C 358 -11.62 -26.24 25.87
N HIS C 359 -12.78 -26.80 25.52
CA HIS C 359 -13.85 -27.23 26.47
C HIS C 359 -13.94 -28.75 26.58
N ASN C 360 -12.96 -29.50 26.05
CA ASN C 360 -12.92 -30.98 26.13
C ASN C 360 -14.18 -31.56 25.45
N MET C 361 -14.75 -30.83 24.46
CA MET C 361 -16.09 -31.12 23.87
C MET C 361 -15.94 -31.58 22.42
N PRO C 362 -16.94 -32.31 21.85
CA PRO C 362 -16.88 -32.79 20.46
C PRO C 362 -16.71 -31.69 19.41
N TYR C 363 -15.91 -31.95 18.35
CA TYR C 363 -15.69 -31.06 17.15
C TYR C 363 -16.24 -31.69 15.87
N THR C 364 -17.33 -31.15 15.31
CA THR C 364 -17.95 -31.59 14.02
C THR C 364 -17.67 -30.55 12.91
N ASP C 365 -16.81 -30.89 11.96
CA ASP C 365 -16.47 -30.05 10.79
C ASP C 365 -17.74 -29.40 10.23
N VAL C 366 -17.72 -28.07 10.02
CA VAL C 366 -18.91 -27.20 9.74
C VAL C 366 -19.47 -27.49 8.34
N HIS C 367 -18.61 -27.84 7.38
CA HIS C 367 -18.95 -27.99 5.94
C HIS C 367 -19.91 -29.19 5.77
N SER C 368 -19.62 -30.32 6.43
CA SER C 368 -20.47 -31.54 6.42
C SER C 368 -21.91 -31.18 6.82
N LEU C 369 -22.08 -30.31 7.82
CA LEU C 369 -23.40 -29.91 8.40
C LEU C 369 -24.16 -28.95 7.45
N LEU C 370 -23.48 -28.32 6.49
CA LEU C 370 -24.09 -27.29 5.57
C LEU C 370 -24.38 -27.93 4.19
N GLN C 371 -23.44 -28.72 3.64
CA GLN C 371 -23.39 -29.18 2.22
C GLN C 371 -23.44 -27.96 1.28
PA NAD D . -12.89 2.03 -8.97
O1A NAD D . -13.55 0.66 -9.20
O2A NAD D . -11.36 2.24 -8.93
O5B NAD D . -13.60 2.45 -7.59
C5B NAD D . -15.00 2.37 -7.34
C4B NAD D . -15.12 2.48 -5.83
O4B NAD D . -16.51 2.63 -5.53
C3B NAD D . -14.56 1.25 -5.08
O3B NAD D . -13.54 1.61 -4.14
C2B NAD D . -15.77 0.60 -4.40
O2B NAD D . -15.49 -0.03 -3.12
C1B NAD D . -16.75 1.81 -4.36
N9A NAD D . -18.20 1.50 -4.25
C8A NAD D . -18.91 0.46 -4.77
N7A NAD D . -20.21 0.60 -4.41
C5A NAD D . -20.36 1.71 -3.65
C6A NAD D . -21.45 2.45 -2.93
N6A NAD D . -22.75 2.05 -2.91
N1A NAD D . -21.12 3.58 -2.29
C2A NAD D . -19.86 4.04 -2.24
N3A NAD D . -18.83 3.41 -2.83
C4A NAD D . -19.03 2.29 -3.55
O3 NAD D . -13.50 3.14 -10.01
PN NAD D . -12.67 4.38 -10.71
O1N NAD D . -11.56 3.75 -11.58
O2N NAD D . -12.40 5.41 -9.65
O5D NAD D . -13.66 5.14 -11.74
C5D NAD D . -15.05 4.97 -11.64
C4D NAD D . -15.61 5.68 -12.84
O4D NAD D . -14.56 6.14 -13.71
C3D NAD D . -16.49 4.73 -13.62
O3D NAD D . -17.85 5.03 -13.25
C2D NAD D . -16.03 4.91 -15.07
O2D NAD D . -17.10 5.04 -16.02
C1D NAD D . -15.17 6.18 -15.01
N1N NAD D . -14.29 6.37 -16.20
C2N NAD D . -14.60 7.46 -16.92
C3N NAD D . -13.94 7.80 -18.08
C7N NAD D . -14.47 9.03 -18.75
O7N NAD D . -14.75 9.99 -18.06
N7N NAD D . -14.68 9.03 -20.07
C4N NAD D . -12.92 6.98 -18.54
C5N NAD D . -12.58 5.84 -17.79
C6N NAD D . -13.29 5.55 -16.62
C1 EDO E . -2.59 -11.54 -9.64
O1 EDO E . -3.92 -11.24 -9.19
C2 EDO E . -1.93 -10.21 -9.91
O2 EDO E . -0.56 -10.33 -10.28
N1 EPE F . -11.61 18.11 8.77
C2 EPE F . -10.14 18.25 8.82
C3 EPE F . -9.65 19.47 8.05
N4 EPE F . -10.58 19.81 6.96
C5 EPE F . -11.89 20.21 7.50
C6 EPE F . -12.25 19.44 8.77
C7 EPE F . -10.02 20.93 6.18
C8 EPE F . -11.10 21.49 5.26
O8 EPE F . -10.64 22.73 4.70
C9 EPE F . -12.00 17.38 7.56
C10 EPE F . -13.17 16.46 7.86
S EPE F . -14.57 17.13 7.28
O1S EPE F . -14.95 16.43 6.03
O2S EPE F . -14.36 18.56 7.00
O3S EPE F . -15.65 16.98 8.27
PA NAD G . 13.96 -1.79 -7.11
O1A NAD G . 14.16 -3.25 -7.56
O2A NAD G . 13.10 -1.54 -5.86
O5B NAD G . 13.34 -1.03 -8.42
C5B NAD G . 13.99 -0.22 -9.42
C4B NAD G . 12.93 0.70 -10.11
O4B NAD G . 13.41 1.17 -11.40
C3B NAD G . 11.52 0.05 -10.37
O3B NAD G . 10.39 0.79 -9.84
C2B NAD G . 11.37 -0.09 -11.89
O2B NAD G . 9.98 -0.02 -12.41
C1B NAD G . 12.33 1.03 -12.33
N9A NAD G . 12.82 0.88 -13.71
C8A NAD G . 13.21 -0.28 -14.38
N7A NAD G . 13.58 0.05 -15.65
C5A NAD G . 13.43 1.40 -15.79
C6A NAD G . 13.61 2.40 -16.88
N6A NAD G . 14.06 1.95 -18.06
N1A NAD G . 13.34 3.72 -16.64
C2A NAD G . 12.91 4.10 -15.41
N3A NAD G . 12.62 3.24 -14.39
C4A NAD G . 12.90 1.93 -14.51
O3 NAD G . 15.45 -1.09 -7.00
PN NAD G . 16.11 0.07 -6.00
O1N NAD G . 16.09 -0.49 -4.61
O2N NAD G . 15.58 1.52 -6.43
O5D NAD G . 17.71 -0.03 -6.39
C5D NAD G . 18.32 0.05 -7.70
C4D NAD G . 19.80 -0.35 -7.64
O4D NAD G . 20.30 -0.40 -6.30
C3D NAD G . 20.14 -1.71 -8.25
O3D NAD G . 20.90 -1.54 -9.46
C2D NAD G . 20.93 -2.48 -7.18
O2D NAD G . 22.02 -3.23 -7.72
C1D NAD G . 21.39 -1.34 -6.29
N1N NAD G . 21.85 -1.66 -4.92
C2N NAD G . 22.82 -0.83 -4.50
C3N NAD G . 23.41 -0.95 -3.26
C7N NAD G . 24.48 0.06 -2.98
O7N NAD G . 24.53 1.09 -3.62
N7N NAD G . 25.39 -0.23 -2.05
C4N NAD G . 22.98 -1.97 -2.41
C5N NAD G . 21.97 -2.84 -2.84
C6N NAD G . 21.41 -2.67 -4.12
PA NAD H . -1.82 -6.15 14.59
O1A NAD H . -1.71 -7.64 14.29
O2A NAD H . -2.59 -5.26 13.66
O5B NAD H . -0.36 -5.51 14.85
C5B NAD H . 0.44 -6.04 15.88
C4B NAD H . 1.89 -5.73 15.52
O4B NAD H . 2.75 -6.29 16.53
C3B NAD H . 2.36 -6.32 14.17
O3B NAD H . 2.79 -5.23 13.30
C2B NAD H . 3.50 -7.27 14.59
O2B NAD H . 4.53 -7.36 13.62
C1B NAD H . 3.97 -6.60 15.90
N9A NAD H . 4.82 -7.43 16.77
C8A NAD H . 4.80 -8.78 17.03
N7A NAD H . 5.78 -9.08 17.91
C5A NAD H . 6.45 -7.94 18.20
C6A NAD H . 7.57 -7.49 19.02
N6A NAD H . 8.26 -8.38 19.74
N1A NAD H . 7.91 -6.17 19.07
C2A NAD H . 7.25 -5.25 18.36
N3A NAD H . 6.23 -5.56 17.56
C4A NAD H . 5.80 -6.85 17.45
O3 NAD H . -2.52 -6.16 16.03
PN NAD H . -3.49 -4.94 16.53
O1N NAD H . -4.81 -5.08 15.86
O2N NAD H . -2.71 -3.64 16.34
O5D NAD H . -3.57 -5.50 18.06
C5D NAD H . -2.83 -4.96 19.16
C4D NAD H . -3.76 -4.88 20.38
O4D NAD H . -4.95 -4.04 20.20
C3D NAD H . -4.22 -6.33 20.60
O3D NAD H . -3.95 -6.85 21.91
C2D NAD H . -5.69 -6.19 20.34
O2D NAD H . -6.39 -7.14 21.06
C1D NAD H . -5.96 -4.79 20.87
N1N NAD H . -7.42 -4.51 21.00
C2N NAD H . -7.85 -4.07 22.23
C3N NAD H . -9.19 -3.81 22.52
C7N NAD H . -9.54 -3.32 23.91
O7N NAD H . -8.92 -2.48 24.62
N7N NAD H . -10.62 -3.99 24.31
C4N NAD H . -10.17 -4.10 21.56
C5N NAD H . -9.75 -4.60 20.32
C6N NAD H . -8.36 -4.81 20.07
P PO4 I . -10.58 6.44 31.62
O1 PO4 I . -10.18 7.70 30.91
O2 PO4 I . -10.06 5.22 30.88
O3 PO4 I . -10.05 6.45 33.04
O4 PO4 I . -12.08 6.35 31.63
C1 EDO J . 1.81 2.31 3.30
O1 EDO J . 1.82 3.22 4.46
C2 EDO J . 2.50 2.80 1.99
O2 EDO J . 3.83 2.26 1.77
#